data_5GY7
#
_entry.id   5GY7
#
_cell.length_a   47.110
_cell.length_b   91.160
_cell.length_c   80.260
_cell.angle_alpha   90.00
_cell.angle_beta   99.87
_cell.angle_gamma   90.00
#
_symmetry.space_group_name_H-M   'P 1 21 1'
#
loop_
_entity.id
_entity.type
_entity.pdbx_description
1 polymer 'UDP-glucose 4-epimerase'
2 non-polymer "URIDINE-5'-DIPHOSPHATE"
3 non-polymer NICOTINAMIDE-ADENINE-DINUCLEOTIDE
4 non-polymer GLYCEROL
5 non-polymer 'NITRATE ION'
6 water water
#
_entity_poly.entity_id   1
_entity_poly.type   'polypeptide(L)'
_entity_poly.pdbx_seq_one_letter_code
;MRVLVTGGSGYIGSHTCVQLLQNGHDVIILDNLCNSKRSVLPVIERLGGKHPTFVEGDIRNEALMTEILHDHAIDTVIHF
AGLKAVGESVQKPLEYYDNNVNGTLRLISAMRAANVKNFIFSSSATVYGDQPKIPYVESFPTGTPQSPYGKSKLMVEQIL
TDLQKAQPDWSIALLRYFNPVGAHPSGDMGEDPQGIPNNLMPYIAQVAVGRRDSLAIFGNDYPTEDGTGVRDYIHVMDLA
DGIVVAMEKLANKPGVHIYNLGAGVGNSVLDVVNAFSKACGKPVNYHFAPRREGDLPAYWADASKADRELNWRVTRTLDE
MAQDTWHWQSRHPQGYPDHHHHHH
;
_entity_poly.pdbx_strand_id   A,B
#
# COMPACT_ATOMS: atom_id res chain seq x y z
N MET A 1 -26.35 -5.90 16.54
CA MET A 1 -24.89 -6.04 16.71
C MET A 1 -24.35 -4.82 17.35
N ARG A 2 -23.14 -4.97 17.88
CA ARG A 2 -22.29 -3.92 18.40
C ARG A 2 -21.34 -3.50 17.28
N VAL A 3 -21.54 -2.30 16.79
CA VAL A 3 -20.86 -1.84 15.54
C VAL A 3 -19.95 -0.69 15.80
N LEU A 4 -18.68 -0.76 15.42
CA LEU A 4 -17.77 0.34 15.42
C LEU A 4 -17.87 0.98 14.05
N VAL A 5 -18.17 2.28 14.01
CA VAL A 5 -18.22 3.03 12.77
C VAL A 5 -17.14 4.09 12.73
N THR A 6 -16.01 3.75 12.09
CA THR A 6 -14.96 4.76 11.94
C THR A 6 -15.41 5.76 10.95
N GLY A 7 -15.04 7.03 11.14
CA GLY A 7 -15.51 8.07 10.25
C GLY A 7 -16.99 8.35 10.38
N GLY A 8 -17.61 7.96 11.48
CA GLY A 8 -19.08 7.97 11.59
C GLY A 8 -19.70 9.31 11.73
N SER A 9 -18.93 10.37 12.02
CA SER A 9 -19.50 11.72 12.03
C SER A 9 -19.48 12.35 10.66
N GLY A 10 -18.85 11.73 9.68
CA GLY A 10 -18.78 12.23 8.36
C GLY A 10 -20.05 12.07 7.52
N TYR A 11 -19.95 12.35 6.23
CA TYR A 11 -21.14 12.41 5.38
C TYR A 11 -21.83 11.11 5.32
N ILE A 12 -21.18 10.08 4.74
CA ILE A 12 -21.85 8.77 4.57
C ILE A 12 -22.03 8.16 5.94
N GLY A 13 -21.06 8.27 6.81
CA GLY A 13 -21.11 7.71 8.14
C GLY A 13 -22.29 8.18 8.92
N SER A 14 -22.56 9.49 8.93
CA SER A 14 -23.63 10.00 9.81
C SER A 14 -24.98 9.38 9.31
N HIS A 15 -25.22 9.35 8.06
CA HIS A 15 -26.45 8.76 7.48
C HIS A 15 -26.54 7.26 7.79
N THR A 16 -25.40 6.56 7.71
CA THR A 16 -25.32 5.16 8.04
C THR A 16 -25.60 4.91 9.49
N CYS A 17 -25.05 5.73 10.40
CA CYS A 17 -25.31 5.59 11.82
C CYS A 17 -26.77 5.78 12.12
N VAL A 18 -27.47 6.70 11.49
CA VAL A 18 -28.90 6.87 11.74
C VAL A 18 -29.62 5.58 11.32
N GLN A 19 -29.29 4.99 10.20
CA GLN A 19 -29.98 3.74 9.79
C GLN A 19 -29.64 2.58 10.74
N LEU A 20 -28.40 2.50 11.17
CA LEU A 20 -28.01 1.48 12.16
C LEU A 20 -28.76 1.56 13.40
N LEU A 21 -28.88 2.74 13.94
CA LEU A 21 -29.59 2.97 15.23
C LEU A 21 -31.08 2.69 15.02
N GLN A 22 -31.66 3.04 13.88
CA GLN A 22 -33.11 2.74 13.65
C GLN A 22 -33.28 1.22 13.60
N ASN A 23 -32.32 0.43 13.18
CA ASN A 23 -32.41 -1.03 13.17
C ASN A 23 -32.03 -1.59 14.49
N GLY A 24 -31.73 -0.85 15.50
CA GLY A 24 -31.52 -1.40 16.83
C GLY A 24 -30.12 -1.83 17.15
N HIS A 25 -29.14 -1.56 16.24
CA HIS A 25 -27.71 -1.79 16.61
C HIS A 25 -27.20 -0.87 17.61
N ASP A 26 -26.19 -1.27 18.34
CA ASP A 26 -25.43 -0.44 19.24
C ASP A 26 -24.30 0.15 18.41
N VAL A 27 -24.12 1.45 18.45
CA VAL A 27 -23.16 2.13 17.48
C VAL A 27 -22.17 2.88 18.34
N ILE A 28 -20.88 2.68 18.02
CA ILE A 28 -19.78 3.46 18.54
C ILE A 28 -19.14 4.18 17.38
N ILE A 29 -19.07 5.49 17.44
CA ILE A 29 -18.47 6.34 16.40
C ILE A 29 -17.10 6.71 16.77
N LEU A 30 -16.09 6.48 15.91
CA LEU A 30 -14.75 6.93 16.08
C LEU A 30 -14.41 7.89 14.99
N ASP A 31 -13.99 9.11 15.28
CA ASP A 31 -13.70 10.10 14.25
C ASP A 31 -12.69 11.11 14.82
N ASN A 32 -11.81 11.59 13.94
CA ASN A 32 -10.83 12.58 14.36
C ASN A 32 -11.29 14.01 14.04
N LEU A 33 -12.44 14.16 13.42
CA LEU A 33 -13.07 15.47 13.15
C LEU A 33 -12.26 16.28 12.16
N CYS A 34 -11.43 15.69 11.35
CA CYS A 34 -10.76 16.46 10.33
C CYS A 34 -11.64 16.96 9.24
N ASN A 35 -12.76 16.25 9.00
CA ASN A 35 -13.65 16.60 7.92
C ASN A 35 -15.09 16.58 8.29
N SER A 36 -15.36 16.77 9.58
CA SER A 36 -16.75 16.78 10.06
C SER A 36 -16.74 17.52 11.32
N LYS A 37 -17.98 17.84 11.77
CA LYS A 37 -18.24 18.63 12.96
C LYS A 37 -18.84 17.80 14.10
N ARG A 38 -18.35 17.98 15.34
CA ARG A 38 -18.85 17.26 16.43
C ARG A 38 -20.36 17.50 16.74
N SER A 39 -20.83 18.65 16.32
CA SER A 39 -22.23 19.00 16.59
C SER A 39 -23.22 18.19 15.77
N VAL A 40 -22.77 17.30 14.85
CA VAL A 40 -23.66 16.37 14.21
C VAL A 40 -24.12 15.29 15.18
N LEU A 41 -23.38 15.07 16.26
CA LEU A 41 -23.73 13.93 17.07
C LEU A 41 -25.15 13.88 17.64
N PRO A 42 -25.66 14.99 18.22
CA PRO A 42 -27.04 14.93 18.67
C PRO A 42 -28.03 14.74 17.58
N VAL A 43 -27.70 15.14 16.33
CA VAL A 43 -28.60 14.93 15.18
C VAL A 43 -28.67 13.46 14.90
N ILE A 44 -27.52 12.78 14.85
CA ILE A 44 -27.50 11.35 14.62
C ILE A 44 -28.33 10.63 15.70
N GLU A 45 -28.22 11.05 16.94
CA GLU A 45 -29.05 10.44 18.04
C GLU A 45 -30.51 10.67 17.83
N ARG A 46 -30.90 11.91 17.50
CA ARG A 46 -32.30 12.19 17.34
C ARG A 46 -32.87 11.48 16.21
N LEU A 47 -32.26 11.53 15.02
CA LEU A 47 -32.80 10.83 13.87
C LEU A 47 -32.71 9.36 13.99
N GLY A 48 -31.69 8.84 14.70
CA GLY A 48 -31.58 7.42 14.87
C GLY A 48 -32.49 6.81 15.90
N GLY A 49 -32.98 7.64 16.80
CA GLY A 49 -33.88 7.16 17.86
C GLY A 49 -33.17 6.47 18.95
N LYS A 50 -31.85 6.58 19.09
CA LYS A 50 -31.05 5.79 20.06
C LYS A 50 -29.69 6.45 20.17
N HIS A 51 -29.07 6.44 21.32
CA HIS A 51 -27.82 7.09 21.61
C HIS A 51 -26.64 6.27 21.10
N PRO A 52 -25.83 6.84 20.22
CA PRO A 52 -24.51 6.22 19.85
C PRO A 52 -23.44 6.73 20.80
N THR A 53 -22.41 6.00 21.03
CA THR A 53 -21.26 6.44 21.79
C THR A 53 -20.28 7.12 20.84
N PHE A 54 -19.61 8.18 21.23
CA PHE A 54 -18.61 8.90 20.46
C PHE A 54 -17.28 8.81 21.13
N VAL A 55 -16.24 8.50 20.32
CA VAL A 55 -14.82 8.58 20.74
C VAL A 55 -14.12 9.43 19.74
N GLU A 56 -13.48 10.49 20.17
CA GLU A 56 -12.65 11.31 19.32
C GLU A 56 -11.26 10.66 19.20
N GLY A 57 -10.80 10.31 18.00
CA GLY A 57 -9.49 9.69 17.89
C GLY A 57 -9.29 9.31 16.43
N ASP A 58 -8.12 8.68 16.24
CA ASP A 58 -7.54 8.47 14.91
C ASP A 58 -7.37 6.96 14.66
N ILE A 59 -7.78 6.49 13.48
CA ILE A 59 -7.59 5.04 13.14
C ILE A 59 -6.11 4.64 13.13
N ARG A 60 -5.20 5.61 12.98
CA ARG A 60 -3.77 5.30 13.01
C ARG A 60 -3.32 4.99 14.41
N ASN A 61 -4.12 5.25 15.45
CA ASN A 61 -3.76 4.94 16.83
C ASN A 61 -4.22 3.51 17.10
N GLU A 62 -3.36 2.56 16.84
CA GLU A 62 -3.73 1.18 16.97
C GLU A 62 -4.18 0.81 18.39
N ALA A 63 -3.45 1.35 19.37
CA ALA A 63 -3.76 1.04 20.74
C ALA A 63 -5.17 1.51 21.11
N LEU A 64 -5.53 2.73 20.67
CA LEU A 64 -6.89 3.21 20.90
C LEU A 64 -7.95 2.30 20.20
N MET A 65 -7.67 1.94 18.94
CA MET A 65 -8.59 1.05 18.30
C MET A 65 -8.82 -0.26 19.06
N THR A 66 -7.74 -0.83 19.56
CA THR A 66 -7.85 -2.06 20.27
C THR A 66 -8.67 -1.90 21.55
N GLU A 67 -8.46 -0.79 22.22
CA GLU A 67 -9.20 -0.47 23.43
C GLU A 67 -10.69 -0.36 23.16
N ILE A 68 -11.08 0.35 22.10
CA ILE A 68 -12.49 0.48 21.78
C ILE A 68 -13.08 -0.83 21.45
N LEU A 69 -12.42 -1.65 20.61
CA LEU A 69 -12.90 -2.93 20.32
C LEU A 69 -13.19 -3.84 21.50
N HIS A 70 -12.26 -3.81 22.42
CA HIS A 70 -12.45 -4.63 23.67
C HIS A 70 -13.55 -4.04 24.54
N ASP A 71 -13.49 -2.78 24.81
CA ASP A 71 -14.43 -2.12 25.74
C ASP A 71 -15.84 -2.27 25.31
N HIS A 72 -16.10 -2.13 24.03
CA HIS A 72 -17.45 -2.13 23.51
C HIS A 72 -17.86 -3.46 22.93
N ALA A 73 -17.06 -4.52 23.10
CA ALA A 73 -17.36 -5.80 22.60
C ALA A 73 -17.85 -5.85 21.18
N ILE A 74 -17.08 -5.18 20.33
CA ILE A 74 -17.52 -4.95 18.98
C ILE A 74 -17.64 -6.25 18.18
N ASP A 75 -18.69 -6.37 17.43
CA ASP A 75 -18.96 -7.53 16.57
C ASP A 75 -18.51 -7.33 15.11
N THR A 76 -18.60 -6.06 14.63
CA THR A 76 -18.30 -5.77 13.24
C THR A 76 -17.88 -4.29 13.17
N VAL A 77 -17.08 -3.99 12.16
CA VAL A 77 -16.52 -2.63 11.95
C VAL A 77 -16.93 -2.21 10.54
N ILE A 78 -17.53 -1.01 10.50
CA ILE A 78 -17.75 -0.32 9.22
C ILE A 78 -16.75 0.81 9.19
N HIS A 79 -15.90 0.77 8.16
CA HIS A 79 -14.73 1.68 8.07
C HIS A 79 -14.97 2.78 7.06
N PHE A 80 -15.36 3.99 7.50
CA PHE A 80 -15.46 5.16 6.63
C PHE A 80 -14.29 6.12 6.80
N ALA A 81 -13.49 6.01 7.83
CA ALA A 81 -12.47 7.04 8.06
C ALA A 81 -11.40 7.01 6.98
N GLY A 82 -11.00 8.14 6.55
CA GLY A 82 -9.94 8.32 5.54
C GLY A 82 -10.12 9.63 4.81
N LEU A 83 -9.18 9.91 3.93
CA LEU A 83 -9.23 11.06 3.05
C LEU A 83 -9.74 10.67 1.71
N LYS A 84 -10.48 11.54 0.99
CA LYS A 84 -11.31 11.08 -0.16
C LYS A 84 -11.28 11.94 -1.37
N ALA A 85 -10.44 12.96 -1.43
CA ALA A 85 -10.44 13.85 -2.61
C ALA A 85 -9.42 13.42 -3.67
N VAL A 86 -9.84 13.01 -4.84
CA VAL A 86 -8.97 12.56 -5.90
C VAL A 86 -7.92 13.62 -6.22
N GLY A 87 -8.33 14.87 -6.45
CA GLY A 87 -7.39 15.89 -6.87
C GLY A 87 -6.45 16.24 -5.78
N GLU A 88 -6.87 16.36 -4.51
CA GLU A 88 -6.02 16.63 -3.45
C GLU A 88 -4.95 15.51 -3.30
N SER A 89 -5.37 14.26 -3.55
CA SER A 89 -4.45 13.15 -3.35
C SER A 89 -3.21 13.24 -4.24
N VAL A 90 -3.38 13.84 -5.39
CA VAL A 90 -2.25 14.00 -6.34
C VAL A 90 -1.24 14.95 -5.73
N GLN A 91 -1.68 15.96 -5.05
CA GLN A 91 -0.83 16.95 -4.40
C GLN A 91 -0.21 16.51 -3.07
N LYS A 92 -0.94 15.70 -2.30
CA LYS A 92 -0.63 15.28 -0.97
C LYS A 92 -0.67 13.74 -0.87
N PRO A 93 0.14 13.05 -1.66
CA PRO A 93 0.10 11.59 -1.66
C PRO A 93 0.40 10.98 -0.37
N LEU A 94 1.43 11.41 0.36
CA LEU A 94 1.81 10.77 1.61
C LEU A 94 0.68 10.79 2.61
N GLU A 95 -0.05 11.90 2.68
CA GLU A 95 -1.14 12.01 3.67
C GLU A 95 -2.22 11.00 3.29
N TYR A 96 -2.47 10.81 2.01
CA TYR A 96 -3.46 9.82 1.56
C TYR A 96 -3.04 8.39 1.85
N TYR A 97 -1.79 8.05 1.49
CA TYR A 97 -1.38 6.67 1.80
C TYR A 97 -1.32 6.46 3.30
N ASP A 98 -0.94 7.43 4.12
CA ASP A 98 -0.92 7.24 5.55
C ASP A 98 -2.33 7.07 6.11
N ASN A 99 -3.27 7.97 5.80
CA ASN A 99 -4.57 7.88 6.38
C ASN A 99 -5.31 6.68 5.84
N ASN A 100 -5.12 6.36 4.60
CA ASN A 100 -5.93 5.30 3.92
C ASN A 100 -5.30 3.92 4.04
N VAL A 101 -4.04 3.76 3.69
CA VAL A 101 -3.38 2.47 3.75
C VAL A 101 -2.91 2.20 5.13
N ASN A 102 -2.03 3.00 5.74
CA ASN A 102 -1.63 2.73 7.13
C ASN A 102 -2.80 2.79 8.03
N GLY A 103 -3.73 3.78 7.85
CA GLY A 103 -4.85 3.86 8.78
C GLY A 103 -5.70 2.55 8.82
N THR A 104 -5.96 2.01 7.62
CA THR A 104 -6.73 0.76 7.58
C THR A 104 -5.92 -0.36 8.18
N LEU A 105 -4.62 -0.41 7.89
CA LEU A 105 -3.73 -1.41 8.46
C LEU A 105 -3.69 -1.39 9.92
N ARG A 106 -3.67 -0.21 10.56
CA ARG A 106 -3.65 -0.10 12.00
C ARG A 106 -4.98 -0.62 12.55
N LEU A 107 -6.07 -0.24 11.95
CA LEU A 107 -7.43 -0.67 12.39
C LEU A 107 -7.56 -2.22 12.32
N ILE A 108 -7.17 -2.82 11.19
CA ILE A 108 -7.37 -4.26 11.07
C ILE A 108 -6.34 -5.02 11.94
N SER A 109 -5.20 -4.44 12.26
CA SER A 109 -4.27 -5.03 13.18
C SER A 109 -4.88 -5.01 14.54
N ALA A 110 -5.53 -3.95 14.98
CA ALA A 110 -6.31 -3.89 16.21
C ALA A 110 -7.38 -4.94 16.21
N MET A 111 -8.13 -5.09 15.17
CA MET A 111 -9.17 -6.11 15.10
C MET A 111 -8.60 -7.48 15.24
N ARG A 112 -7.46 -7.81 14.60
CA ARG A 112 -6.82 -9.12 14.84
C ARG A 112 -6.50 -9.28 16.30
N ALA A 113 -5.98 -8.28 16.97
CA ALA A 113 -5.61 -8.36 18.40
C ALA A 113 -6.84 -8.66 19.22
N ALA A 114 -7.96 -8.05 18.95
CA ALA A 114 -9.19 -8.15 19.69
C ALA A 114 -10.07 -9.28 19.19
N ASN A 115 -9.67 -10.06 18.24
CA ASN A 115 -10.44 -11.17 17.68
C ASN A 115 -11.76 -10.75 17.07
N VAL A 116 -11.81 -9.59 16.37
CA VAL A 116 -12.98 -9.14 15.68
C VAL A 116 -12.74 -9.42 14.25
N LYS A 117 -13.63 -10.10 13.53
CA LYS A 117 -13.36 -10.68 12.26
C LYS A 117 -14.40 -10.34 11.21
N ASN A 118 -15.22 -9.32 11.47
CA ASN A 118 -16.22 -8.85 10.51
C ASN A 118 -15.85 -7.40 10.11
N PHE A 119 -15.70 -7.17 8.83
CA PHE A 119 -15.22 -5.80 8.35
C PHE A 119 -16.00 -5.43 7.13
N ILE A 120 -16.45 -4.18 7.13
CA ILE A 120 -17.12 -3.59 5.98
C ILE A 120 -16.25 -2.39 5.53
N PHE A 121 -15.62 -2.53 4.40
CA PHE A 121 -14.71 -1.48 3.94
C PHE A 121 -15.37 -0.62 2.89
N SER A 122 -15.24 0.72 3.15
CA SER A 122 -15.62 1.73 2.15
C SER A 122 -14.58 1.78 1.07
N SER A 123 -14.79 1.09 -0.03
CA SER A 123 -13.97 1.20 -1.19
C SER A 123 -14.55 2.23 -2.14
N SER A 124 -14.14 2.26 -3.40
CA SER A 124 -14.52 3.34 -4.28
C SER A 124 -14.52 2.86 -5.71
N ALA A 125 -15.39 3.42 -6.55
CA ALA A 125 -15.30 3.14 -7.94
C ALA A 125 -14.01 3.53 -8.57
N THR A 126 -13.22 4.38 -7.97
CA THR A 126 -11.89 4.75 -8.50
C THR A 126 -10.95 3.54 -8.53
N VAL A 127 -11.18 2.46 -7.83
CA VAL A 127 -10.28 1.27 -7.94
C VAL A 127 -10.32 0.66 -9.30
N TYR A 128 -11.39 0.82 -10.04
CA TYR A 128 -11.39 0.25 -11.39
C TYR A 128 -10.42 0.94 -12.24
N GLY A 129 -10.10 2.24 -12.05
CA GLY A 129 -9.06 2.90 -12.82
C GLY A 129 -9.39 2.99 -14.29
N ASP A 130 -8.34 2.67 -15.11
CA ASP A 130 -8.54 2.74 -16.58
C ASP A 130 -9.14 1.51 -17.18
N GLN A 131 -9.76 0.66 -16.43
CA GLN A 131 -10.58 -0.45 -17.01
C GLN A 131 -11.54 0.08 -18.02
N PRO A 132 -11.43 -0.27 -19.36
CA PRO A 132 -12.36 0.28 -20.32
C PRO A 132 -13.72 -0.25 -20.39
N LYS A 133 -14.00 -1.37 -19.74
CA LYS A 133 -15.27 -1.90 -19.75
C LYS A 133 -16.12 -1.13 -18.68
N ILE A 134 -17.09 -0.41 -19.24
CA ILE A 134 -18.01 0.48 -18.46
C ILE A 134 -19.43 0.25 -18.86
N PRO A 135 -20.39 0.02 -18.02
CA PRO A 135 -20.35 0.05 -16.57
C PRO A 135 -19.46 -0.94 -15.99
N TYR A 136 -18.91 -0.60 -14.81
CA TYR A 136 -17.99 -1.50 -14.13
C TYR A 136 -18.71 -2.64 -13.46
N VAL A 137 -18.12 -3.87 -13.68
CA VAL A 137 -18.68 -5.10 -13.11
C VAL A 137 -17.61 -5.76 -12.20
N GLU A 138 -18.07 -6.18 -11.01
CA GLU A 138 -17.16 -6.73 -9.98
C GLU A 138 -16.35 -7.97 -10.42
N SER A 139 -16.95 -8.76 -11.22
CA SER A 139 -16.30 -10.05 -11.63
C SER A 139 -15.26 -9.83 -12.72
N PHE A 140 -15.10 -8.62 -13.29
CA PHE A 140 -14.10 -8.25 -14.26
C PHE A 140 -12.95 -7.48 -13.61
N PRO A 141 -11.74 -7.50 -14.12
CA PRO A 141 -10.57 -6.97 -13.41
C PRO A 141 -10.61 -5.45 -13.16
N THR A 142 -9.94 -5.07 -12.10
CA THR A 142 -9.55 -3.67 -11.94
C THR A 142 -8.44 -3.29 -12.85
N GLY A 143 -8.41 -2.03 -13.35
CA GLY A 143 -7.27 -1.51 -14.06
C GLY A 143 -6.31 -0.81 -13.13
N THR A 144 -5.62 0.21 -13.64
CA THR A 144 -4.70 0.99 -12.86
C THR A 144 -5.46 2.27 -12.39
N PRO A 145 -5.56 2.44 -11.05
CA PRO A 145 -6.27 3.67 -10.58
C PRO A 145 -5.45 4.87 -10.98
N GLN A 146 -6.11 6.02 -11.11
CA GLN A 146 -5.49 7.15 -11.69
C GLN A 146 -5.16 8.29 -10.73
N SER A 147 -5.11 7.99 -9.45
CA SER A 147 -4.72 8.96 -8.45
C SER A 147 -4.20 8.24 -7.21
N PRO A 148 -3.48 8.86 -6.32
CA PRO A 148 -3.11 8.23 -5.08
C PRO A 148 -4.30 7.80 -4.28
N TYR A 149 -5.41 8.58 -4.32
CA TYR A 149 -6.59 8.15 -3.58
C TYR A 149 -7.06 6.80 -4.15
N GLY A 150 -7.24 6.73 -5.43
CA GLY A 150 -7.74 5.44 -6.04
C GLY A 150 -6.76 4.30 -5.77
N LYS A 151 -5.47 4.59 -5.86
CA LYS A 151 -4.50 3.53 -5.59
C LYS A 151 -4.52 3.16 -4.17
N SER A 152 -4.74 4.08 -3.22
CA SER A 152 -4.82 3.73 -1.86
C SER A 152 -5.96 2.74 -1.59
N LYS A 153 -7.11 2.98 -2.17
CA LYS A 153 -8.25 2.14 -1.93
C LYS A 153 -7.97 0.74 -2.47
N LEU A 154 -7.36 0.65 -3.65
CA LEU A 154 -7.11 -0.69 -4.23
C LEU A 154 -6.02 -1.39 -3.41
N MET A 155 -5.03 -0.67 -2.94
CA MET A 155 -4.02 -1.28 -2.07
C MET A 155 -4.66 -1.86 -0.84
N VAL A 156 -5.61 -1.15 -0.22
CA VAL A 156 -6.33 -1.70 0.92
C VAL A 156 -7.17 -2.91 0.52
N GLU A 157 -7.86 -2.86 -0.60
CA GLU A 157 -8.57 -4.08 -1.04
C GLU A 157 -7.63 -5.27 -1.10
N GLN A 158 -6.43 -5.04 -1.63
CA GLN A 158 -5.50 -6.13 -1.79
C GLN A 158 -4.97 -6.64 -0.48
N ILE A 159 -4.68 -5.76 0.45
CA ILE A 159 -4.26 -6.13 1.79
C ILE A 159 -5.32 -6.95 2.48
N LEU A 160 -6.57 -6.48 2.44
CA LEU A 160 -7.69 -7.21 3.06
C LEU A 160 -7.84 -8.59 2.43
N THR A 161 -7.70 -8.67 1.15
CA THR A 161 -7.87 -9.96 0.47
C THR A 161 -6.79 -10.91 0.97
N ASP A 162 -5.58 -10.44 1.10
CA ASP A 162 -4.44 -11.31 1.59
C ASP A 162 -4.65 -11.65 3.00
N LEU A 163 -5.21 -10.77 3.83
CA LEU A 163 -5.49 -11.10 5.23
C LEU A 163 -6.51 -12.24 5.26
N GLN A 164 -7.57 -12.15 4.45
CA GLN A 164 -8.62 -13.13 4.55
C GLN A 164 -8.09 -14.47 4.06
N LYS A 165 -7.12 -14.51 3.15
CA LYS A 165 -6.55 -15.80 2.69
C LYS A 165 -5.81 -16.36 3.86
N ALA A 166 -5.08 -15.60 4.64
CA ALA A 166 -4.29 -16.09 5.79
C ALA A 166 -5.15 -16.40 6.99
N GLN A 167 -6.28 -15.74 7.14
CA GLN A 167 -7.19 -15.82 8.29
C GLN A 167 -8.60 -16.03 7.69
N PRO A 168 -8.94 -17.25 7.28
CA PRO A 168 -10.11 -17.43 6.46
C PRO A 168 -11.44 -17.37 7.19
N ASP A 169 -11.46 -17.19 8.49
CA ASP A 169 -12.67 -16.96 9.17
C ASP A 169 -13.14 -15.52 9.06
N TRP A 170 -12.32 -14.62 8.53
CA TRP A 170 -12.78 -13.21 8.32
C TRP A 170 -13.84 -13.15 7.24
N SER A 171 -14.77 -12.23 7.52
CA SER A 171 -15.80 -11.76 6.56
C SER A 171 -15.45 -10.32 6.23
N ILE A 172 -15.12 -10.07 5.00
CA ILE A 172 -14.70 -8.72 4.56
C ILE A 172 -15.54 -8.34 3.38
N ALA A 173 -16.29 -7.23 3.47
CA ALA A 173 -16.97 -6.62 2.36
C ALA A 173 -16.15 -5.53 1.76
N LEU A 174 -15.92 -5.56 0.50
CA LEU A 174 -15.30 -4.48 -0.29
C LEU A 174 -16.43 -3.79 -1.00
N LEU A 175 -16.94 -2.69 -0.41
CA LEU A 175 -18.07 -1.98 -0.94
C LEU A 175 -17.57 -0.84 -1.75
N ARG A 176 -17.68 -0.93 -3.06
CA ARG A 176 -17.20 0.07 -4.02
C ARG A 176 -18.32 1.04 -4.20
N TYR A 177 -18.34 2.15 -3.43
CA TYR A 177 -19.29 3.19 -3.59
C TYR A 177 -18.99 3.96 -4.80
N PHE A 178 -20.04 4.45 -5.46
CA PHE A 178 -19.91 5.38 -6.60
C PHE A 178 -19.98 6.80 -6.07
N ASN A 179 -20.92 7.63 -6.43
CA ASN A 179 -20.88 9.04 -6.05
C ASN A 179 -22.08 9.41 -5.21
N PRO A 180 -22.03 9.22 -3.90
CA PRO A 180 -23.19 9.59 -3.07
C PRO A 180 -23.43 11.12 -2.95
N VAL A 181 -24.70 11.48 -3.11
CA VAL A 181 -25.20 12.82 -3.00
C VAL A 181 -26.51 12.76 -2.30
N GLY A 182 -27.00 13.98 -1.96
CA GLY A 182 -28.30 14.03 -1.25
C GLY A 182 -28.13 14.19 0.23
N ALA A 183 -29.22 14.12 0.99
CA ALA A 183 -29.25 14.37 2.42
C ALA A 183 -30.42 13.70 3.00
N HIS A 184 -30.40 13.52 4.30
CA HIS A 184 -31.52 12.96 5.02
C HIS A 184 -32.79 13.76 4.69
N PRO A 185 -33.96 13.07 4.58
CA PRO A 185 -35.17 13.80 4.18
C PRO A 185 -35.66 14.78 5.18
N SER A 186 -35.23 14.71 6.43
CA SER A 186 -35.63 15.73 7.38
C SER A 186 -35.14 17.15 7.01
N GLY A 187 -34.07 17.19 6.24
CA GLY A 187 -33.38 18.41 6.04
C GLY A 187 -32.50 18.85 7.14
N ASP A 188 -32.25 18.01 8.16
CA ASP A 188 -31.46 18.42 9.34
C ASP A 188 -30.12 17.70 9.42
N MET A 189 -29.83 16.83 8.45
CA MET A 189 -28.52 16.17 8.41
C MET A 189 -28.15 16.14 6.96
N GLY A 190 -26.95 16.51 6.63
CA GLY A 190 -26.48 16.50 5.25
C GLY A 190 -25.00 16.55 5.17
N GLU A 191 -24.46 16.95 4.03
CA GLU A 191 -23.00 16.98 3.83
C GLU A 191 -22.42 18.27 4.33
N ASP A 192 -21.46 18.26 5.20
CA ASP A 192 -20.83 19.48 5.75
C ASP A 192 -19.39 19.21 6.09
N PRO A 193 -18.50 19.28 5.05
CA PRO A 193 -17.09 19.13 5.31
C PRO A 193 -16.48 20.26 6.01
N GLN A 194 -15.28 20.08 6.49
CA GLN A 194 -14.46 21.19 6.96
C GLN A 194 -13.92 21.95 5.80
N GLY A 195 -13.93 23.29 5.90
CA GLY A 195 -13.29 24.04 4.85
C GLY A 195 -14.07 24.08 3.56
N ILE A 196 -13.39 24.14 2.48
CA ILE A 196 -14.05 24.29 1.15
C ILE A 196 -14.36 22.88 0.66
N PRO A 197 -15.58 22.56 0.26
CA PRO A 197 -15.89 21.21 -0.17
C PRO A 197 -15.10 20.82 -1.38
N ASN A 198 -14.63 19.59 -1.43
CA ASN A 198 -13.97 19.04 -2.62
C ASN A 198 -14.93 18.39 -3.55
N ASN A 199 -16.06 17.85 -3.05
CA ASN A 199 -17.06 17.16 -3.86
C ASN A 199 -18.01 18.15 -4.51
N LEU A 200 -18.57 17.69 -5.63
CA LEU A 200 -19.44 18.49 -6.47
C LEU A 200 -20.69 19.00 -5.78
N MET A 201 -21.50 18.17 -5.23
CA MET A 201 -22.77 18.59 -4.70
C MET A 201 -22.69 19.52 -3.51
N PRO A 202 -21.78 19.33 -2.57
CA PRO A 202 -21.73 20.28 -1.46
C PRO A 202 -21.21 21.60 -1.93
N TYR A 203 -20.34 21.65 -2.95
CA TYR A 203 -19.91 22.93 -3.51
C TYR A 203 -21.08 23.64 -4.17
N ILE A 204 -21.82 22.97 -5.01
CA ILE A 204 -23.03 23.51 -5.60
C ILE A 204 -23.94 24.09 -4.54
N ALA A 205 -24.22 23.31 -3.51
CA ALA A 205 -25.15 23.76 -2.49
C ALA A 205 -24.63 25.02 -1.81
N GLN A 206 -23.36 25.15 -1.56
CA GLN A 206 -22.81 26.33 -0.90
C GLN A 206 -22.83 27.52 -1.88
N VAL A 207 -22.71 27.31 -3.17
CA VAL A 207 -22.96 28.44 -4.14
C VAL A 207 -24.39 28.82 -4.09
N ALA A 208 -25.31 27.92 -3.99
CA ALA A 208 -26.77 28.19 -4.06
C ALA A 208 -27.20 28.98 -2.84
N VAL A 209 -26.59 28.83 -1.68
CA VAL A 209 -26.97 29.66 -0.47
C VAL A 209 -26.10 30.84 -0.35
N GLY A 210 -25.28 31.15 -1.35
CA GLY A 210 -24.52 32.39 -1.37
C GLY A 210 -23.32 32.44 -0.66
N ARG A 211 -22.73 31.27 -0.27
CA ARG A 211 -21.45 31.24 0.37
C ARG A 211 -20.22 31.19 -0.52
N ARG A 212 -20.43 30.75 -1.77
CA ARG A 212 -19.35 30.58 -2.77
C ARG A 212 -19.96 31.34 -4.00
N ASP A 213 -19.02 32.00 -4.71
CA ASP A 213 -19.43 32.79 -5.88
C ASP A 213 -19.88 31.99 -7.11
N SER A 214 -19.13 30.88 -7.38
CA SER A 214 -19.33 30.20 -8.61
C SER A 214 -18.73 28.76 -8.55
N LEU A 215 -19.52 27.83 -8.97
CA LEU A 215 -18.97 26.47 -9.11
C LEU A 215 -17.92 26.39 -10.19
N ALA A 216 -16.77 25.81 -9.92
CA ALA A 216 -15.78 25.47 -10.93
C ALA A 216 -16.08 24.11 -11.48
N ILE A 217 -16.37 23.94 -12.78
CA ILE A 217 -16.58 22.65 -13.38
C ILE A 217 -15.25 22.25 -13.95
N PHE A 218 -14.70 21.13 -13.52
CA PHE A 218 -13.34 20.70 -13.89
C PHE A 218 -13.34 19.91 -15.14
N GLY A 219 -13.17 20.67 -16.24
CA GLY A 219 -13.10 20.13 -17.62
C GLY A 219 -14.35 20.29 -18.39
N ASN A 220 -14.22 20.76 -19.65
CA ASN A 220 -15.33 20.91 -20.51
C ASN A 220 -15.08 20.23 -21.94
N ASP A 221 -13.98 19.47 -21.96
CA ASP A 221 -13.48 18.87 -23.25
C ASP A 221 -13.36 17.38 -23.12
N TYR A 222 -14.08 16.75 -22.18
CA TYR A 222 -14.07 15.33 -22.12
C TYR A 222 -14.86 14.69 -23.27
N PRO A 223 -14.56 13.40 -23.58
CA PRO A 223 -15.35 12.69 -24.61
C PRO A 223 -16.64 12.16 -24.09
N THR A 224 -17.52 13.10 -23.70
CA THR A 224 -18.85 12.81 -23.26
C THR A 224 -19.85 13.69 -23.99
N GLU A 225 -21.12 13.47 -23.82
CA GLU A 225 -22.21 14.12 -24.58
C GLU A 225 -22.08 15.61 -24.44
N ASP A 226 -21.84 16.18 -23.26
CA ASP A 226 -21.68 17.62 -23.06
C ASP A 226 -20.33 18.10 -22.71
N GLY A 227 -19.31 17.22 -22.72
CA GLY A 227 -18.01 17.55 -22.48
C GLY A 227 -17.49 17.55 -21.01
N THR A 228 -18.50 17.39 -20.12
CA THR A 228 -18.18 17.38 -18.65
C THR A 228 -18.12 15.93 -18.17
N GLY A 229 -17.52 15.76 -16.98
CA GLY A 229 -17.40 14.39 -16.44
C GLY A 229 -18.73 13.77 -16.12
N VAL A 230 -18.82 12.43 -16.31
CA VAL A 230 -19.97 11.66 -16.04
C VAL A 230 -19.75 10.68 -14.89
N ARG A 231 -20.70 10.59 -13.98
CA ARG A 231 -20.60 9.73 -12.82
C ARG A 231 -21.91 9.14 -12.50
N ASP A 232 -21.93 8.14 -11.62
CA ASP A 232 -23.09 7.46 -11.09
C ASP A 232 -23.45 7.98 -9.72
N TYR A 233 -24.46 8.81 -9.66
CA TYR A 233 -24.94 9.49 -8.49
C TYR A 233 -25.90 8.62 -7.79
N ILE A 234 -25.70 8.40 -6.51
CA ILE A 234 -26.52 7.53 -5.64
C ILE A 234 -26.93 8.32 -4.43
N HIS A 235 -28.20 8.31 -4.06
CA HIS A 235 -28.62 9.02 -2.86
C HIS A 235 -28.00 8.46 -1.65
N VAL A 236 -27.44 9.29 -0.80
CA VAL A 236 -26.76 8.82 0.40
C VAL A 236 -27.64 7.95 1.26
N MET A 237 -28.97 8.21 1.30
CA MET A 237 -29.84 7.34 2.07
C MET A 237 -29.93 5.97 1.48
N ASP A 238 -29.94 5.87 0.17
CA ASP A 238 -29.93 4.52 -0.48
C ASP A 238 -28.60 3.83 -0.19
N LEU A 239 -27.47 4.59 -0.28
CA LEU A 239 -26.16 3.98 0.01
C LEU A 239 -26.08 3.53 1.44
N ALA A 240 -26.51 4.34 2.40
CA ALA A 240 -26.56 3.95 3.82
C ALA A 240 -27.33 2.66 3.96
N ASP A 241 -28.50 2.58 3.32
CA ASP A 241 -29.30 1.32 3.44
C ASP A 241 -28.52 0.15 2.90
N GLY A 242 -27.80 0.30 1.83
CA GLY A 242 -27.04 -0.78 1.26
C GLY A 242 -25.93 -1.21 2.14
N ILE A 243 -25.26 -0.24 2.79
CA ILE A 243 -24.15 -0.58 3.74
C ILE A 243 -24.69 -1.34 4.94
N VAL A 244 -25.81 -0.91 5.46
CA VAL A 244 -26.41 -1.60 6.58
C VAL A 244 -26.82 -3.03 6.22
N VAL A 245 -27.47 -3.17 5.08
CA VAL A 245 -27.84 -4.54 4.57
C VAL A 245 -26.61 -5.37 4.46
N ALA A 246 -25.52 -4.88 3.85
CA ALA A 246 -24.29 -5.66 3.71
C ALA A 246 -23.76 -6.05 5.03
N MET A 247 -23.67 -5.13 5.99
CA MET A 247 -23.20 -5.45 7.32
C MET A 247 -23.99 -6.57 7.93
N GLU A 248 -25.30 -6.46 7.85
CA GLU A 248 -26.20 -7.47 8.53
C GLU A 248 -26.12 -8.83 7.78
N LYS A 249 -26.14 -8.81 6.51
CA LYS A 249 -26.15 -10.10 5.73
C LYS A 249 -24.85 -10.75 5.69
N LEU A 250 -23.73 -10.01 5.79
CA LEU A 250 -22.42 -10.59 5.58
C LEU A 250 -21.68 -10.85 6.86
N ALA A 251 -22.16 -10.41 7.99
CA ALA A 251 -21.53 -10.75 9.23
C ALA A 251 -21.39 -12.28 9.41
N ASN A 252 -20.21 -12.75 9.81
CA ASN A 252 -19.99 -14.20 10.08
C ASN A 252 -20.15 -15.01 8.84
N LYS A 253 -20.00 -14.52 7.64
CA LYS A 253 -19.94 -15.23 6.35
C LYS A 253 -18.52 -15.13 5.95
N PRO A 254 -17.71 -16.10 6.12
CA PRO A 254 -16.32 -15.97 5.72
C PRO A 254 -16.15 -15.76 4.26
N GLY A 255 -15.18 -14.89 3.89
CA GLY A 255 -14.89 -14.57 2.55
C GLY A 255 -14.66 -13.11 2.27
N VAL A 256 -14.37 -12.81 1.05
CA VAL A 256 -14.21 -11.44 0.50
C VAL A 256 -15.39 -11.23 -0.41
N HIS A 257 -16.22 -10.26 -0.04
CA HIS A 257 -17.50 -10.01 -0.68
C HIS A 257 -17.46 -8.67 -1.38
N ILE A 258 -17.40 -8.62 -2.67
CA ILE A 258 -17.26 -7.40 -3.45
C ILE A 258 -18.54 -6.89 -4.05
N TYR A 259 -19.00 -5.69 -3.75
CA TYR A 259 -20.24 -5.10 -4.31
C TYR A 259 -20.00 -3.68 -4.80
N ASN A 260 -20.45 -3.40 -6.00
CA ASN A 260 -20.69 -1.99 -6.43
C ASN A 260 -21.95 -1.53 -5.80
N LEU A 261 -21.94 -0.32 -5.19
CA LEU A 261 -23.11 0.39 -4.69
C LEU A 261 -23.24 1.68 -5.47
N GLY A 262 -24.13 1.66 -6.46
CA GLY A 262 -24.42 2.81 -7.35
C GLY A 262 -25.80 2.62 -7.95
N ALA A 263 -26.25 3.64 -8.66
CA ALA A 263 -27.58 3.64 -9.30
C ALA A 263 -27.52 2.99 -10.61
N GLY A 264 -26.41 2.76 -11.24
CA GLY A 264 -26.32 2.12 -12.53
C GLY A 264 -26.64 2.96 -13.72
N VAL A 265 -26.59 4.30 -13.56
CA VAL A 265 -26.69 5.19 -14.72
C VAL A 265 -25.76 6.38 -14.55
N GLY A 266 -25.27 6.95 -15.61
CA GLY A 266 -24.43 8.06 -15.61
C GLY A 266 -25.14 9.39 -15.78
N ASN A 267 -24.61 10.41 -15.13
CA ASN A 267 -25.02 11.77 -15.34
C ASN A 267 -23.89 12.69 -15.36
N SER A 268 -23.88 13.76 -16.18
CA SER A 268 -22.79 14.63 -16.29
C SER A 268 -22.86 15.75 -15.15
N VAL A 269 -21.76 16.49 -15.06
CA VAL A 269 -21.66 17.59 -14.09
C VAL A 269 -22.76 18.57 -14.37
N LEU A 270 -22.98 18.88 -15.66
CA LEU A 270 -24.06 19.83 -16.03
C LEU A 270 -25.40 19.26 -15.75
N ASP A 271 -25.63 17.97 -15.84
CA ASP A 271 -26.86 17.37 -15.44
C ASP A 271 -27.15 17.62 -13.96
N VAL A 272 -26.10 17.50 -13.12
CA VAL A 272 -26.28 17.73 -11.69
C VAL A 272 -26.57 19.20 -11.44
N VAL A 273 -25.83 20.08 -12.07
CA VAL A 273 -26.07 21.48 -11.91
C VAL A 273 -27.50 21.84 -12.31
N ASN A 274 -27.95 21.31 -13.41
CA ASN A 274 -29.34 21.63 -13.87
C ASN A 274 -30.34 21.09 -12.95
N ALA A 275 -30.13 19.90 -12.36
CA ALA A 275 -31.05 19.35 -11.42
C ALA A 275 -31.06 20.28 -10.21
N PHE A 276 -29.93 20.77 -9.73
CA PHE A 276 -29.91 21.66 -8.59
C PHE A 276 -30.55 22.99 -8.89
N SER A 277 -30.34 23.55 -10.05
CA SER A 277 -30.97 24.85 -10.37
C SER A 277 -32.48 24.61 -10.35
N LYS A 278 -33.00 23.55 -10.89
CA LYS A 278 -34.46 23.22 -10.81
C LYS A 278 -34.92 23.15 -9.35
N ALA A 279 -34.15 22.47 -8.47
CA ALA A 279 -34.57 22.33 -7.07
C ALA A 279 -34.56 23.59 -6.34
N CYS A 280 -33.56 24.45 -6.52
CA CYS A 280 -33.46 25.65 -5.72
C CYS A 280 -34.20 26.83 -6.31
N GLY A 281 -34.62 26.73 -7.57
CA GLY A 281 -35.37 27.83 -8.24
C GLY A 281 -34.57 28.92 -8.80
N LYS A 282 -33.25 28.83 -8.90
CA LYS A 282 -32.36 29.88 -9.43
C LYS A 282 -31.24 29.15 -10.17
N PRO A 283 -30.76 29.60 -11.34
CA PRO A 283 -29.65 28.93 -12.01
C PRO A 283 -28.40 29.10 -11.19
N VAL A 284 -27.69 27.98 -10.94
CA VAL A 284 -26.52 28.01 -10.16
C VAL A 284 -25.36 28.62 -10.94
N ASN A 285 -24.66 29.56 -10.37
CA ASN A 285 -23.55 30.21 -11.01
C ASN A 285 -22.45 29.20 -11.22
N TYR A 286 -21.86 29.12 -12.42
CA TYR A 286 -20.72 28.28 -12.67
C TYR A 286 -19.80 28.83 -13.71
N HIS A 287 -18.59 28.31 -13.73
CA HIS A 287 -17.63 28.53 -14.79
C HIS A 287 -16.91 27.25 -15.03
N PHE A 288 -16.21 27.11 -16.12
CA PHE A 288 -15.34 25.96 -16.38
C PHE A 288 -13.94 26.26 -16.01
N ALA A 289 -13.26 25.27 -15.43
CA ALA A 289 -11.88 25.27 -15.04
C ALA A 289 -11.17 24.08 -15.73
N PRO A 290 -9.82 24.02 -15.57
CA PRO A 290 -9.16 22.85 -16.24
C PRO A 290 -9.56 21.53 -15.62
N ARG A 291 -9.32 20.45 -16.38
CA ARG A 291 -9.42 19.12 -15.79
C ARG A 291 -8.66 18.98 -14.51
N ARG A 292 -9.30 18.25 -13.58
CA ARG A 292 -8.68 17.93 -12.29
C ARG A 292 -7.89 16.61 -12.43
N GLU A 293 -6.66 16.66 -11.97
CA GLU A 293 -5.86 15.45 -12.06
C GLU A 293 -6.52 14.31 -11.22
N GLY A 294 -6.46 13.13 -11.79
CA GLY A 294 -7.13 11.97 -11.21
C GLY A 294 -8.44 11.63 -11.73
N ASP A 295 -9.14 12.54 -12.42
CA ASP A 295 -10.44 12.32 -12.94
C ASP A 295 -10.45 11.59 -14.26
N LEU A 296 -11.30 10.59 -14.40
CA LEU A 296 -11.63 10.02 -15.65
C LEU A 296 -12.81 10.67 -16.29
N PRO A 297 -13.05 10.52 -17.57
CA PRO A 297 -14.16 11.16 -18.28
C PRO A 297 -15.49 10.68 -17.81
N ALA A 298 -15.69 9.39 -17.62
CA ALA A 298 -16.99 8.86 -17.45
C ALA A 298 -17.01 7.48 -16.85
N TYR A 299 -17.83 7.22 -15.86
CA TYR A 299 -18.03 5.83 -15.38
C TYR A 299 -19.26 5.72 -14.58
N TRP A 300 -19.83 4.55 -14.50
CA TRP A 300 -21.01 4.25 -13.71
C TRP A 300 -21.03 2.73 -13.40
N ALA A 301 -21.85 2.37 -12.48
CA ALA A 301 -21.85 0.99 -11.95
C ALA A 301 -22.74 0.02 -12.74
N ASP A 302 -22.36 -1.27 -12.71
CA ASP A 302 -23.35 -2.36 -12.82
C ASP A 302 -23.65 -2.78 -11.40
N ALA A 303 -24.79 -2.50 -10.87
CA ALA A 303 -25.11 -2.86 -9.51
C ALA A 303 -26.11 -4.04 -9.38
N SER A 304 -26.03 -4.87 -10.41
CA SER A 304 -26.89 -6.07 -10.37
C SER A 304 -26.50 -7.10 -9.37
N LYS A 305 -25.24 -7.19 -9.01
CA LYS A 305 -24.79 -8.18 -8.03
C LYS A 305 -25.41 -7.95 -6.67
N ALA A 306 -25.38 -6.67 -6.22
CA ALA A 306 -26.03 -6.33 -5.01
C ALA A 306 -27.56 -6.56 -5.00
N ASP A 307 -28.16 -6.35 -6.15
CA ASP A 307 -29.59 -6.68 -6.28
C ASP A 307 -29.88 -8.23 -6.06
N ARG A 308 -29.10 -8.98 -6.80
CA ARG A 308 -29.35 -10.46 -6.77
C ARG A 308 -29.02 -10.96 -5.37
N GLU A 309 -27.88 -10.54 -4.80
CA GLU A 309 -27.32 -11.13 -3.60
C GLU A 309 -27.76 -10.57 -2.33
N LEU A 310 -27.96 -9.23 -2.26
CA LEU A 310 -28.37 -8.56 -1.05
C LEU A 310 -29.76 -8.00 -1.07
N ASN A 311 -30.46 -8.21 -2.20
CA ASN A 311 -31.82 -7.67 -2.38
C ASN A 311 -31.87 -6.15 -2.17
N TRP A 312 -30.80 -5.51 -2.67
CA TRP A 312 -30.71 -4.02 -2.58
C TRP A 312 -30.60 -3.34 -3.93
N ARG A 313 -31.30 -2.18 -4.04
CA ARG A 313 -31.15 -1.39 -5.22
C ARG A 313 -31.61 0.02 -4.81
N VAL A 314 -31.20 0.95 -5.67
CA VAL A 314 -31.54 2.37 -5.46
C VAL A 314 -33.03 2.64 -5.62
N THR A 315 -33.54 3.65 -4.92
CA THR A 315 -34.94 4.01 -5.02
C THR A 315 -35.11 5.50 -5.32
N ARG A 316 -34.12 6.37 -5.19
CA ARG A 316 -34.28 7.79 -5.35
C ARG A 316 -33.65 8.27 -6.58
N THR A 317 -34.21 9.31 -7.20
CA THR A 317 -33.75 9.88 -8.49
C THR A 317 -32.72 11.01 -8.28
N LEU A 318 -32.05 11.41 -9.35
CA LEU A 318 -31.16 12.54 -9.30
C LEU A 318 -31.86 13.81 -8.84
N ASP A 319 -33.08 14.06 -9.37
CA ASP A 319 -33.79 15.22 -8.90
C ASP A 319 -34.09 15.18 -7.40
N GLU A 320 -34.44 14.03 -6.86
CA GLU A 320 -34.62 13.89 -5.43
C GLU A 320 -33.33 14.15 -4.67
N MET A 321 -32.21 13.62 -5.19
CA MET A 321 -30.88 13.90 -4.57
C MET A 321 -30.66 15.40 -4.47
N ALA A 322 -30.89 16.16 -5.56
CA ALA A 322 -30.68 17.56 -5.53
C ALA A 322 -31.70 18.27 -4.62
N GLN A 323 -32.95 17.82 -4.69
CA GLN A 323 -34.00 18.44 -3.82
C GLN A 323 -33.64 18.24 -2.36
N ASP A 324 -33.18 17.05 -2.00
CA ASP A 324 -32.86 16.79 -0.60
C ASP A 324 -31.66 17.56 -0.09
N THR A 325 -30.63 17.72 -0.96
CA THR A 325 -29.47 18.57 -0.61
C THR A 325 -29.90 20.05 -0.41
N TRP A 326 -30.70 20.53 -1.39
CA TRP A 326 -31.22 21.93 -1.22
C TRP A 326 -32.05 22.12 0.06
N HIS A 327 -32.87 21.13 0.29
CA HIS A 327 -33.63 21.21 1.57
C HIS A 327 -32.73 21.40 2.77
N TRP A 328 -31.72 20.53 2.91
CA TRP A 328 -30.72 20.64 3.95
C TRP A 328 -30.02 21.95 3.96
N GLN A 329 -29.43 22.33 2.80
CA GLN A 329 -28.58 23.47 2.82
C GLN A 329 -29.36 24.80 3.02
N SER A 330 -30.54 24.87 2.46
CA SER A 330 -31.34 26.08 2.67
C SER A 330 -31.80 26.17 4.08
N ARG A 331 -31.96 25.07 4.76
CA ARG A 331 -32.37 25.12 6.21
C ARG A 331 -31.20 25.46 7.05
N HIS A 332 -30.02 25.02 6.64
CA HIS A 332 -28.80 25.16 7.42
C HIS A 332 -27.65 25.68 6.56
N PRO A 333 -27.72 26.92 6.16
CA PRO A 333 -26.78 27.46 5.15
C PRO A 333 -25.36 27.33 5.55
N GLN A 334 -25.04 27.43 6.81
CA GLN A 334 -23.66 27.35 7.33
C GLN A 334 -23.31 25.92 7.81
N GLY A 335 -24.20 25.01 7.54
CA GLY A 335 -23.94 23.65 8.05
C GLY A 335 -24.11 23.54 9.51
N TYR A 336 -23.45 22.63 10.11
CA TYR A 336 -23.50 22.41 11.57
C TYR A 336 -22.63 23.46 12.27
N PRO A 337 -23.00 23.88 13.49
CA PRO A 337 -22.14 24.79 14.18
C PRO A 337 -20.84 24.26 14.61
N ASP A 338 -19.81 25.13 14.64
CA ASP A 338 -18.40 24.78 15.06
C ASP A 338 -18.26 24.81 16.53
N MET B 1 29.58 11.40 0.88
CA MET B 1 28.27 11.79 1.35
C MET B 1 27.90 11.16 2.67
N ARG B 2 26.92 11.71 3.37
CA ARG B 2 26.46 11.17 4.64
C ARG B 2 25.21 10.33 4.35
N VAL B 3 25.35 9.03 4.55
CA VAL B 3 24.38 8.00 4.08
C VAL B 3 23.75 7.34 5.26
N LEU B 4 22.43 7.38 5.34
CA LEU B 4 21.63 6.54 6.27
C LEU B 4 21.33 5.24 5.58
N VAL B 5 21.74 4.11 6.13
CA VAL B 5 21.56 2.76 5.59
C VAL B 5 20.61 2.03 6.50
N THR B 6 19.32 2.01 6.21
CA THR B 6 18.41 1.24 6.97
C THR B 6 18.61 -0.26 6.60
N GLY B 7 18.44 -1.13 7.59
CA GLY B 7 18.74 -2.55 7.36
C GLY B 7 20.17 -2.83 7.08
N GLY B 8 21.12 -1.92 7.48
CA GLY B 8 22.52 -2.01 7.07
C GLY B 8 23.32 -3.09 7.74
N SER B 9 22.80 -3.74 8.83
CA SER B 9 23.50 -4.90 9.38
C SER B 9 23.07 -6.20 8.73
N GLY B 10 22.11 -6.14 7.79
CA GLY B 10 21.66 -7.35 7.11
C GLY B 10 22.62 -7.72 5.98
N TYR B 11 22.14 -8.69 5.23
CA TYR B 11 22.96 -9.33 4.17
C TYR B 11 23.50 -8.37 3.13
N ILE B 12 22.59 -7.80 2.35
CA ILE B 12 22.98 -6.85 1.35
C ILE B 12 23.55 -5.60 1.94
N GLY B 13 22.91 -5.14 2.98
CA GLY B 13 23.35 -3.89 3.64
C GLY B 13 24.76 -3.98 4.15
N SER B 14 25.12 -5.11 4.80
CA SER B 14 26.49 -5.14 5.38
C SER B 14 27.55 -5.03 4.28
N HIS B 15 27.35 -5.71 3.15
CA HIS B 15 28.25 -5.62 2.05
C HIS B 15 28.29 -4.28 1.40
N THR B 16 27.11 -3.63 1.29
CA THR B 16 27.01 -2.28 0.80
C THR B 16 27.78 -1.26 1.68
N CYS B 17 27.55 -1.41 3.00
CA CYS B 17 28.26 -0.51 3.94
C CYS B 17 29.76 -0.65 3.84
N VAL B 18 30.30 -1.84 3.65
CA VAL B 18 31.75 -1.94 3.43
C VAL B 18 32.20 -1.13 2.24
N GLN B 19 31.44 -1.25 1.14
CA GLN B 19 31.78 -0.52 -0.07
C GLN B 19 31.60 0.96 0.09
N LEU B 20 30.59 1.42 0.79
CA LEU B 20 30.37 2.81 1.07
C LEU B 20 31.56 3.40 1.86
N LEU B 21 31.92 2.71 2.90
CA LEU B 21 33.09 3.19 3.77
C LEU B 21 34.38 3.17 3.01
N GLN B 22 34.59 2.23 2.14
CA GLN B 22 35.83 2.19 1.29
C GLN B 22 35.80 3.38 0.38
N ASN B 23 34.66 3.83 -0.10
CA ASN B 23 34.59 4.99 -1.00
C ASN B 23 34.56 6.30 -0.24
N GLY B 24 34.74 6.34 1.06
CA GLY B 24 34.83 7.60 1.72
C GLY B 24 33.56 8.21 2.21
N HIS B 25 32.42 7.46 2.09
CA HIS B 25 31.22 7.94 2.63
C HIS B 25 31.09 7.78 4.12
N ASP B 26 30.30 8.63 4.73
CA ASP B 26 29.98 8.48 6.17
C ASP B 26 28.72 7.62 6.26
N VAL B 27 28.69 6.60 7.07
CA VAL B 27 27.59 5.65 7.11
C VAL B 27 26.99 5.62 8.48
N ILE B 28 25.67 5.74 8.57
CA ILE B 28 24.87 5.52 9.74
C ILE B 28 23.96 4.32 9.46
N ILE B 29 24.01 3.28 10.24
CA ILE B 29 23.24 2.08 10.10
C ILE B 29 22.10 2.15 11.04
N LEU B 30 20.89 1.87 10.63
CA LEU B 30 19.67 1.75 11.43
C LEU B 30 19.15 0.36 11.27
N ASP B 31 19.02 -0.44 12.28
CA ASP B 31 18.52 -1.81 12.14
C ASP B 31 17.86 -2.26 13.39
N ASN B 32 16.83 -3.05 13.33
CA ASN B 32 16.18 -3.57 14.56
C ASN B 32 16.69 -4.96 14.94
N LEU B 33 17.61 -5.50 14.16
CA LEU B 33 18.24 -6.79 14.43
C LEU B 33 17.29 -7.94 14.40
N CYS B 34 16.16 -7.84 13.70
CA CYS B 34 15.26 -8.99 13.62
C CYS B 34 15.78 -10.09 12.72
N ASN B 35 16.70 -9.76 11.79
CA ASN B 35 17.24 -10.79 10.90
C ASN B 35 18.69 -10.68 10.70
N SER B 36 19.41 -10.04 11.64
CA SER B 36 20.84 -9.95 11.61
C SER B 36 21.42 -9.87 12.99
N LYS B 37 22.70 -10.06 13.06
CA LYS B 37 23.45 -10.05 14.34
C LYS B 37 24.26 -8.83 14.55
N ARG B 38 24.17 -8.21 15.74
CA ARG B 38 24.92 -6.98 16.10
C ARG B 38 26.43 -7.11 15.87
N SER B 39 26.92 -8.35 16.05
CA SER B 39 28.37 -8.55 15.92
C SER B 39 28.95 -8.44 14.53
N VAL B 40 28.03 -8.30 13.52
CA VAL B 40 28.57 -7.98 12.20
C VAL B 40 29.13 -6.57 12.15
N LEU B 41 28.69 -5.66 13.07
CA LEU B 41 29.14 -4.27 12.98
C LEU B 41 30.67 -4.07 12.94
N PRO B 42 31.38 -4.71 13.88
CA PRO B 42 32.82 -4.50 13.80
C PRO B 42 33.49 -5.11 12.60
N VAL B 43 32.81 -6.12 11.98
CA VAL B 43 33.34 -6.72 10.72
C VAL B 43 33.18 -5.72 9.59
N ILE B 44 32.02 -5.08 9.54
CA ILE B 44 31.80 -3.96 8.56
C ILE B 44 32.88 -2.92 8.73
N GLU B 45 33.15 -2.54 10.02
CA GLU B 45 34.11 -1.48 10.28
C GLU B 45 35.53 -1.92 9.89
N ARG B 46 35.90 -3.16 10.18
CA ARG B 46 37.27 -3.63 9.84
C ARG B 46 37.44 -3.71 8.31
N LEU B 47 36.45 -4.29 7.62
CA LEU B 47 36.54 -4.42 6.18
C LEU B 47 36.38 -3.07 5.47
N GLY B 48 35.57 -2.20 6.00
CA GLY B 48 35.36 -0.91 5.42
C GLY B 48 36.45 0.12 5.65
N GLY B 49 37.20 -0.13 6.75
CA GLY B 49 38.28 0.79 7.13
C GLY B 49 37.91 2.02 7.83
N LYS B 50 36.70 2.15 8.29
CA LYS B 50 36.20 3.32 8.88
C LYS B 50 34.98 2.95 9.79
N HIS B 51 34.72 3.75 10.83
CA HIS B 51 33.64 3.44 11.78
C HIS B 51 32.28 3.89 11.21
N PRO B 52 31.34 2.93 11.15
CA PRO B 52 29.94 3.31 10.86
C PRO B 52 29.22 3.56 12.17
N THR B 53 28.38 4.53 12.26
CA THR B 53 27.50 4.74 13.41
C THR B 53 26.44 3.72 13.40
N PHE B 54 25.98 3.20 14.50
CA PHE B 54 24.87 2.24 14.62
C PHE B 54 23.81 2.82 15.48
N VAL B 55 22.60 2.75 15.06
CA VAL B 55 21.39 2.98 15.84
C VAL B 55 20.56 1.80 15.81
N GLU B 56 20.18 1.19 16.93
CA GLU B 56 19.28 0.08 17.01
C GLU B 56 17.91 0.67 17.06
N GLY B 57 17.00 0.34 16.12
CA GLY B 57 15.66 0.84 16.11
C GLY B 57 14.92 0.45 14.88
N ASP B 58 13.73 0.96 14.68
CA ASP B 58 12.72 0.42 13.79
C ASP B 58 12.29 1.51 12.85
N ILE B 59 12.28 1.25 11.54
CA ILE B 59 11.83 2.26 10.52
C ILE B 59 10.39 2.68 10.77
N ARG B 60 9.58 1.88 11.47
CA ARG B 60 8.22 2.28 11.76
C ARG B 60 8.16 3.35 12.80
N ASN B 61 9.23 3.62 13.47
CA ASN B 61 9.29 4.66 14.55
C ASN B 61 9.68 5.96 13.83
N GLU B 62 8.66 6.74 13.32
CA GLU B 62 8.93 7.92 12.55
C GLU B 62 9.72 8.99 13.38
N ALA B 63 9.41 9.13 14.66
CA ALA B 63 10.12 10.06 15.53
C ALA B 63 11.62 9.80 15.55
N LEU B 64 11.96 8.50 15.62
CA LEU B 64 13.38 8.16 15.68
C LEU B 64 14.02 8.45 14.33
N MET B 65 13.32 8.12 13.21
CA MET B 65 13.84 8.42 11.92
C MET B 65 14.16 9.91 11.73
N THR B 66 13.23 10.72 12.21
CA THR B 66 13.44 12.16 12.08
C THR B 66 14.67 12.63 12.92
N GLU B 67 14.78 12.08 14.10
CA GLU B 67 15.94 12.39 14.98
C GLU B 67 17.22 12.02 14.27
N ILE B 68 17.34 10.79 13.72
CA ILE B 68 18.53 10.40 13.05
C ILE B 68 18.88 11.30 11.91
N LEU B 69 17.93 11.62 11.06
CA LEU B 69 18.15 12.37 9.82
C LEU B 69 18.70 13.71 10.08
N HIS B 70 18.13 14.34 11.08
CA HIS B 70 18.61 15.64 11.57
C HIS B 70 19.95 15.54 12.28
N ASP B 71 20.12 14.65 13.30
CA ASP B 71 21.38 14.47 14.16
C ASP B 71 22.57 14.21 13.29
N HIS B 72 22.41 13.73 12.03
CA HIS B 72 23.50 13.40 11.17
C HIS B 72 23.63 14.11 9.83
N ALA B 73 22.82 15.06 9.60
CA ALA B 73 22.77 15.81 8.35
C ALA B 73 22.80 14.97 7.11
N ILE B 74 21.88 14.05 7.07
CA ILE B 74 21.98 12.98 6.03
C ILE B 74 21.73 13.52 4.66
N ASP B 75 22.51 13.08 3.70
CA ASP B 75 22.41 13.47 2.29
C ASP B 75 21.48 12.59 1.49
N THR B 76 21.56 11.27 1.78
CA THR B 76 20.86 10.23 0.99
C THR B 76 20.56 9.09 1.89
N VAL B 77 19.52 8.34 1.57
CA VAL B 77 19.05 7.18 2.36
C VAL B 77 19.04 5.96 1.48
N ILE B 78 19.72 4.90 1.86
CA ILE B 78 19.62 3.63 1.19
C ILE B 78 18.76 2.78 2.08
N HIS B 79 17.64 2.27 1.57
CA HIS B 79 16.64 1.58 2.39
C HIS B 79 16.66 0.11 2.14
N PHE B 80 17.26 -0.66 3.01
CA PHE B 80 17.20 -2.15 2.97
C PHE B 80 16.28 -2.71 3.99
N ALA B 81 15.86 -1.96 5.00
CA ALA B 81 15.08 -2.56 6.10
C ALA B 81 13.73 -3.04 5.61
N GLY B 82 13.36 -4.24 6.04
CA GLY B 82 12.04 -4.81 5.75
C GLY B 82 12.14 -6.33 5.90
N LEU B 83 10.98 -6.95 5.64
CA LEU B 83 10.88 -8.41 5.64
C LEU B 83 10.85 -8.86 4.19
N LYS B 84 11.46 -10.07 3.91
CA LYS B 84 11.79 -10.38 2.52
C LYS B 84 11.44 -11.80 2.09
N ALA B 85 10.75 -12.61 2.88
CA ALA B 85 10.49 -14.01 2.50
C ALA B 85 9.12 -14.12 1.81
N VAL B 86 9.14 -14.41 0.54
CA VAL B 86 7.91 -14.56 -0.22
C VAL B 86 6.93 -15.49 0.43
N GLY B 87 7.36 -16.73 0.81
CA GLY B 87 6.41 -17.72 1.35
C GLY B 87 5.88 -17.28 2.67
N GLU B 88 6.71 -16.72 3.54
CA GLU B 88 6.31 -16.24 4.86
C GLU B 88 5.24 -15.13 4.68
N SER B 89 5.40 -14.31 3.63
CA SER B 89 4.48 -13.19 3.49
C SER B 89 3.04 -13.64 3.24
N VAL B 90 2.89 -14.79 2.60
CA VAL B 90 1.55 -15.29 2.31
C VAL B 90 0.87 -15.70 3.63
N GLN B 91 1.63 -16.17 4.61
CA GLN B 91 1.10 -16.57 5.91
C GLN B 91 0.89 -15.39 6.85
N LYS B 92 1.76 -14.39 6.71
CA LYS B 92 1.82 -13.28 7.61
C LYS B 92 1.73 -11.93 6.85
N PRO B 93 0.64 -11.72 6.13
CA PRO B 93 0.51 -10.57 5.28
C PRO B 93 0.62 -9.28 6.03
N LEU B 94 -0.06 -9.14 7.15
CA LEU B 94 -0.09 -7.87 7.84
C LEU B 94 1.29 -7.42 8.31
N GLU B 95 2.13 -8.37 8.74
CA GLU B 95 3.47 -8.03 9.18
C GLU B 95 4.25 -7.55 8.01
N TYR B 96 4.05 -8.11 6.81
CA TYR B 96 4.79 -7.65 5.63
C TYR B 96 4.28 -6.26 5.21
N TYR B 97 2.99 -6.04 5.12
CA TYR B 97 2.54 -4.70 4.80
C TYR B 97 2.94 -3.68 5.85
N ASP B 98 2.99 -4.01 7.14
CA ASP B 98 3.44 -3.08 8.15
C ASP B 98 4.92 -2.78 8.03
N ASN B 99 5.75 -3.79 7.96
CA ASN B 99 7.19 -3.48 7.85
C ASN B 99 7.55 -2.85 6.54
N ASN B 100 6.94 -3.23 5.49
CA ASN B 100 7.41 -2.84 4.15
C ASN B 100 6.71 -1.61 3.67
N VAL B 101 5.39 -1.56 3.70
CA VAL B 101 4.65 -0.36 3.26
C VAL B 101 4.62 0.66 4.35
N ASN B 102 4.07 0.40 5.49
CA ASN B 102 4.07 1.41 6.55
C ASN B 102 5.50 1.78 6.91
N GLY B 103 6.42 0.82 7.02
CA GLY B 103 7.78 1.18 7.41
C GLY B 103 8.41 2.14 6.43
N THR B 104 8.24 1.91 5.14
CA THR B 104 8.79 2.85 4.16
C THR B 104 8.08 4.19 4.22
N LEU B 105 6.78 4.19 4.44
CA LEU B 105 6.03 5.43 4.53
C LEU B 105 6.52 6.23 5.69
N ARG B 106 6.78 5.62 6.85
CA ARG B 106 7.26 6.31 8.03
C ARG B 106 8.63 6.94 7.82
N LEU B 107 9.50 6.22 7.13
CA LEU B 107 10.84 6.68 6.81
C LEU B 107 10.81 7.83 5.86
N ILE B 108 9.99 7.79 4.79
CA ILE B 108 9.95 8.89 3.79
C ILE B 108 9.21 10.06 4.38
N SER B 109 8.29 9.88 5.27
CA SER B 109 7.64 10.98 5.96
C SER B 109 8.71 11.71 6.80
N ALA B 110 9.57 11.00 7.54
CA ALA B 110 10.65 11.61 8.32
C ALA B 110 11.60 12.32 7.38
N MET B 111 11.93 11.76 6.25
CA MET B 111 12.78 12.41 5.22
C MET B 111 12.17 13.72 4.76
N ARG B 112 10.90 13.74 4.46
CA ARG B 112 10.24 14.99 3.97
C ARG B 112 10.32 16.01 5.08
N ALA B 113 10.13 15.66 6.33
CA ALA B 113 10.17 16.62 7.45
C ALA B 113 11.58 17.11 7.60
N ALA B 114 12.61 16.30 7.30
CA ALA B 114 14.02 16.74 7.52
C ALA B 114 14.56 17.30 6.23
N ASN B 115 13.85 17.48 5.14
CA ASN B 115 14.30 17.98 3.92
C ASN B 115 15.40 17.13 3.26
N VAL B 116 15.30 15.81 3.40
CA VAL B 116 16.20 14.91 2.70
C VAL B 116 15.53 14.28 1.53
N LYS B 117 16.01 14.47 0.33
CA LYS B 117 15.23 14.24 -0.84
C LYS B 117 15.92 13.27 -1.80
N ASN B 118 16.88 12.48 -1.32
CA ASN B 118 17.56 11.44 -2.11
C ASN B 118 17.33 10.10 -1.46
N PHE B 119 16.74 9.16 -2.26
CA PHE B 119 16.29 7.86 -1.70
C PHE B 119 16.72 6.79 -2.67
N ILE B 120 17.27 5.71 -2.17
CA ILE B 120 17.60 4.52 -2.91
C ILE B 120 16.84 3.36 -2.31
N PHE B 121 15.79 2.91 -3.04
CA PHE B 121 14.89 1.88 -2.56
C PHE B 121 15.27 0.50 -3.05
N SER B 122 15.37 -0.42 -2.10
CA SER B 122 15.52 -1.87 -2.40
C SER B 122 14.21 -2.44 -2.84
N SER B 123 14.02 -2.46 -4.13
CA SER B 123 12.84 -3.13 -4.69
C SER B 123 13.22 -4.60 -5.02
N SER B 124 12.43 -5.26 -5.86
CA SER B 124 12.58 -6.69 -6.06
C SER B 124 12.10 -7.04 -7.43
N ALA B 125 12.68 -8.06 -8.02
CA ALA B 125 12.14 -8.66 -9.21
C ALA B 125 10.76 -9.22 -9.06
N THR B 126 10.28 -9.44 -7.85
CA THR B 126 8.92 -9.94 -7.61
C THR B 126 7.87 -8.86 -7.90
N VAL B 127 8.21 -7.57 -8.17
CA VAL B 127 7.19 -6.61 -8.52
C VAL B 127 6.67 -6.85 -9.92
N TYR B 128 7.38 -7.52 -10.79
CA TYR B 128 6.87 -7.75 -12.14
C TYR B 128 5.67 -8.66 -12.17
N GLY B 129 5.70 -9.74 -11.43
CA GLY B 129 4.56 -10.65 -11.35
C GLY B 129 4.51 -11.51 -12.56
N ASP B 130 3.30 -12.15 -12.79
CA ASP B 130 3.19 -13.27 -13.74
C ASP B 130 3.10 -12.92 -15.20
N GLN B 131 2.68 -11.70 -15.48
CA GLN B 131 2.40 -11.33 -16.82
C GLN B 131 3.61 -10.87 -17.69
N PRO B 132 4.52 -10.09 -17.15
CA PRO B 132 5.50 -9.53 -18.05
C PRO B 132 6.47 -10.48 -18.70
N LYS B 133 6.89 -10.19 -19.92
CA LYS B 133 7.82 -10.95 -20.69
C LYS B 133 9.13 -11.09 -19.87
N ILE B 134 9.79 -12.22 -20.06
CA ILE B 134 11.06 -12.54 -19.43
C ILE B 134 12.09 -12.66 -20.48
N PRO B 135 13.27 -12.11 -20.43
CA PRO B 135 13.80 -11.39 -19.24
C PRO B 135 13.08 -10.11 -18.99
N TYR B 136 12.95 -9.66 -17.76
CA TYR B 136 12.24 -8.48 -17.42
C TYR B 136 12.95 -7.25 -17.83
N VAL B 137 12.19 -6.27 -18.39
CA VAL B 137 12.71 -4.99 -18.86
C VAL B 137 11.97 -3.90 -18.17
N GLU B 138 12.69 -2.89 -17.68
CA GLU B 138 12.12 -1.84 -16.93
C GLU B 138 11.12 -0.93 -17.69
N SER B 139 11.30 -0.85 -18.99
CA SER B 139 10.42 0.02 -19.79
C SER B 139 9.14 -0.62 -20.08
N PHE B 140 8.88 -1.88 -19.76
CA PHE B 140 7.53 -2.50 -20.00
C PHE B 140 6.84 -2.52 -18.65
N PRO B 141 5.51 -2.53 -18.57
CA PRO B 141 4.77 -2.49 -17.38
C PRO B 141 5.01 -3.67 -16.46
N THR B 142 4.87 -3.34 -15.16
CA THR B 142 4.72 -4.43 -14.19
C THR B 142 3.39 -5.04 -14.32
N GLY B 143 3.22 -6.20 -13.70
CA GLY B 143 1.91 -6.88 -13.60
C GLY B 143 1.46 -7.06 -12.18
N THR B 144 0.91 -8.25 -11.88
CA THR B 144 0.34 -8.52 -10.57
C THR B 144 1.33 -9.44 -9.75
N PRO B 145 1.97 -8.84 -8.74
CA PRO B 145 2.89 -9.69 -7.91
C PRO B 145 2.11 -10.80 -7.26
N GLN B 146 2.79 -11.87 -6.97
CA GLN B 146 2.14 -13.12 -6.51
C GLN B 146 2.22 -13.42 -5.05
N SER B 147 2.57 -12.43 -4.26
CA SER B 147 2.67 -12.60 -2.82
C SER B 147 2.53 -11.26 -2.16
N PRO B 148 2.18 -11.24 -0.88
CA PRO B 148 2.18 -9.96 -0.13
C PRO B 148 3.53 -9.31 -0.14
N TYR B 149 4.65 -10.07 -0.14
CA TYR B 149 5.95 -9.42 -0.23
C TYR B 149 6.04 -8.65 -1.57
N GLY B 150 5.79 -9.35 -2.66
CA GLY B 150 5.90 -8.67 -3.93
C GLY B 150 4.98 -7.47 -4.08
N LYS B 151 3.72 -7.66 -3.60
CA LYS B 151 2.76 -6.56 -3.62
C LYS B 151 3.25 -5.45 -2.79
N SER B 152 3.85 -5.69 -1.63
CA SER B 152 4.33 -4.63 -0.77
C SER B 152 5.40 -3.83 -1.44
N LYS B 153 6.30 -4.47 -2.16
CA LYS B 153 7.35 -3.76 -2.86
C LYS B 153 6.78 -2.91 -4.01
N LEU B 154 5.82 -3.42 -4.75
CA LEU B 154 5.23 -2.64 -5.83
C LEU B 154 4.41 -1.48 -5.25
N MET B 155 3.75 -1.66 -4.17
CA MET B 155 3.02 -0.55 -3.53
C MET B 155 3.94 0.57 -3.11
N VAL B 156 5.11 0.18 -2.56
CA VAL B 156 6.08 1.22 -2.20
C VAL B 156 6.60 1.92 -3.46
N GLU B 157 6.91 1.18 -4.53
CA GLU B 157 7.31 1.82 -5.78
C GLU B 157 6.26 2.87 -6.20
N GLN B 158 5.00 2.51 -6.13
CA GLN B 158 3.98 3.42 -6.54
C GLN B 158 3.86 4.61 -5.65
N ILE B 159 3.92 4.43 -4.34
CA ILE B 159 3.90 5.52 -3.39
C ILE B 159 5.03 6.49 -3.64
N LEU B 160 6.24 5.93 -3.84
CA LEU B 160 7.43 6.76 -4.11
C LEU B 160 7.28 7.52 -5.43
N THR B 161 6.69 6.89 -6.45
CA THR B 161 6.47 7.55 -7.75
C THR B 161 5.50 8.70 -7.56
N ASP B 162 4.46 8.55 -6.78
CA ASP B 162 3.51 9.61 -6.59
C ASP B 162 4.11 10.68 -5.72
N LEU B 163 4.94 10.40 -4.74
CA LEU B 163 5.71 11.40 -3.96
C LEU B 163 6.58 12.23 -4.87
N GLN B 164 7.23 11.65 -5.80
CA GLN B 164 8.16 12.42 -6.70
C GLN B 164 7.37 13.24 -7.62
N LYS B 165 6.19 12.84 -8.08
CA LYS B 165 5.34 13.71 -8.90
C LYS B 165 4.90 14.92 -8.10
N ALA B 166 4.56 14.79 -6.86
CA ALA B 166 4.08 15.89 -6.02
C ALA B 166 5.23 16.75 -5.61
N GLN B 167 6.42 16.21 -5.46
CA GLN B 167 7.61 16.83 -4.86
C GLN B 167 8.72 16.58 -5.88
N PRO B 168 8.81 17.28 -7.01
CA PRO B 168 9.67 16.90 -8.09
C PRO B 168 11.19 17.14 -7.86
N ASP B 169 11.55 17.73 -6.77
CA ASP B 169 12.99 17.79 -6.45
C ASP B 169 13.54 16.45 -5.92
N TRP B 170 12.69 15.48 -5.61
CA TRP B 170 13.23 14.18 -5.11
C TRP B 170 13.88 13.43 -6.22
N SER B 171 14.95 12.74 -5.83
CA SER B 171 15.61 11.70 -6.64
C SER B 171 15.37 10.35 -5.97
N ILE B 172 14.68 9.47 -6.65
CA ILE B 172 14.34 8.20 -6.10
C ILE B 172 14.73 7.12 -7.01
N ALA B 173 15.61 6.21 -6.59
CA ALA B 173 15.97 5.00 -7.36
C ALA B 173 15.13 3.86 -6.90
N LEU B 174 14.49 3.16 -7.84
CA LEU B 174 13.79 1.90 -7.60
C LEU B 174 14.72 0.84 -8.16
N LEU B 175 15.50 0.22 -7.26
CA LEU B 175 16.43 -0.81 -7.67
C LEU B 175 15.87 -2.17 -7.46
N ARG B 176 15.53 -2.81 -8.58
CA ARG B 176 14.91 -4.11 -8.55
C ARG B 176 15.97 -5.15 -8.55
N TYR B 177 16.33 -5.59 -7.32
CA TYR B 177 17.35 -6.63 -7.20
C TYR B 177 16.76 -7.94 -7.57
N PHE B 178 17.59 -8.81 -8.15
CA PHE B 178 17.18 -10.17 -8.46
C PHE B 178 17.56 -11.06 -7.32
N ASN B 179 18.39 -12.05 -7.40
CA ASN B 179 18.64 -12.97 -6.28
C ASN B 179 20.14 -12.93 -5.84
N PRO B 180 20.45 -12.03 -4.93
CA PRO B 180 21.85 -11.94 -4.46
C PRO B 180 22.27 -13.18 -3.65
N VAL B 181 23.48 -13.66 -3.96
CA VAL B 181 24.13 -14.75 -3.29
C VAL B 181 25.60 -14.46 -3.27
N GLY B 182 26.35 -15.28 -2.52
CA GLY B 182 27.78 -14.99 -2.39
C GLY B 182 28.14 -14.30 -1.09
N ALA B 183 29.39 -13.95 -0.92
CA ALA B 183 29.92 -13.40 0.35
C ALA B 183 31.11 -12.59 0.00
N HIS B 184 31.51 -11.70 0.91
CA HIS B 184 32.72 -10.93 0.79
C HIS B 184 33.94 -11.86 0.57
N PRO B 185 34.89 -11.46 -0.28
CA PRO B 185 36.03 -12.39 -0.57
C PRO B 185 36.92 -12.70 0.59
N SER B 186 36.89 -11.95 1.63
CA SER B 186 37.69 -12.29 2.84
C SER B 186 37.23 -13.54 3.45
N GLY B 187 35.99 -13.99 3.24
CA GLY B 187 35.43 -15.09 3.95
C GLY B 187 34.99 -14.78 5.35
N ASP B 188 35.01 -13.51 5.71
CA ASP B 188 34.66 -13.10 7.08
C ASP B 188 33.37 -12.30 7.20
N MET B 189 32.68 -12.08 6.09
CA MET B 189 31.34 -11.49 6.07
C MET B 189 30.47 -12.25 5.05
N GLY B 190 29.28 -12.60 5.41
CA GLY B 190 28.39 -13.33 4.51
C GLY B 190 27.01 -13.29 4.97
N GLU B 191 26.15 -14.16 4.58
CA GLU B 191 24.78 -14.18 5.00
C GLU B 191 24.56 -14.97 6.26
N ASP B 192 23.94 -14.35 7.22
CA ASP B 192 23.70 -14.93 8.55
C ASP B 192 22.36 -14.43 9.08
N PRO B 193 21.28 -15.04 8.66
CA PRO B 193 20.01 -14.63 9.13
C PRO B 193 19.70 -15.16 10.53
N GLN B 194 18.65 -14.61 11.14
CA GLN B 194 18.21 -15.15 12.43
C GLN B 194 17.39 -16.35 12.15
N GLY B 195 17.55 -17.43 12.91
CA GLY B 195 16.73 -18.60 12.81
C GLY B 195 17.05 -19.43 11.58
N ILE B 196 16.06 -20.06 11.02
CA ILE B 196 16.21 -20.95 9.88
C ILE B 196 16.22 -20.01 8.64
N PRO B 197 17.22 -20.09 7.80
CA PRO B 197 17.24 -19.25 6.58
C PRO B 197 16.05 -19.51 5.66
N ASN B 198 15.40 -18.44 5.17
CA ASN B 198 14.33 -18.57 4.17
C ASN B 198 14.89 -18.64 2.77
N ASN B 199 16.07 -18.05 2.53
CA ASN B 199 16.66 -18.03 1.21
C ASN B 199 17.45 -19.29 0.91
N LEU B 200 17.56 -19.60 -0.37
CA LEU B 200 18.18 -20.82 -0.85
C LEU B 200 19.63 -21.01 -0.45
N MET B 201 20.49 -20.09 -0.80
CA MET B 201 21.90 -20.31 -0.62
C MET B 201 22.28 -20.42 0.87
N PRO B 202 21.80 -19.55 1.76
CA PRO B 202 22.22 -19.76 3.17
C PRO B 202 21.69 -21.07 3.71
N TYR B 203 20.57 -21.54 3.29
CA TYR B 203 20.10 -22.87 3.71
C TYR B 203 21.08 -23.94 3.23
N ILE B 204 21.44 -23.90 1.94
CA ILE B 204 22.42 -24.87 1.40
C ILE B 204 23.70 -24.79 2.16
N ALA B 205 24.22 -23.60 2.47
CA ALA B 205 25.50 -23.48 3.15
C ALA B 205 25.38 -24.10 4.56
N GLN B 206 24.27 -23.95 5.24
CA GLN B 206 24.12 -24.49 6.56
C GLN B 206 23.96 -26.03 6.47
N VAL B 207 23.39 -26.60 5.43
CA VAL B 207 23.46 -28.03 5.22
C VAL B 207 24.89 -28.43 5.05
N ALA B 208 25.69 -27.71 4.27
CA ALA B 208 27.05 -28.16 3.89
C ALA B 208 27.94 -28.13 5.11
N VAL B 209 27.73 -27.31 6.10
CA VAL B 209 28.57 -27.30 7.31
C VAL B 209 27.97 -28.14 8.38
N GLY B 210 26.89 -28.84 8.13
CA GLY B 210 26.40 -29.86 9.08
C GLY B 210 25.46 -29.32 10.02
N ARG B 211 24.92 -28.12 9.91
CA ARG B 211 23.93 -27.57 10.77
C ARG B 211 22.54 -28.01 10.51
N ARG B 212 22.23 -28.33 9.25
CA ARG B 212 20.90 -28.81 8.84
C ARG B 212 21.12 -30.07 8.03
N ASP B 213 20.15 -30.99 8.11
CA ASP B 213 20.27 -32.29 7.54
C ASP B 213 20.21 -32.28 6.01
N SER B 214 19.29 -31.50 5.47
CA SER B 214 18.96 -31.61 4.07
C SER B 214 18.24 -30.38 3.57
N LEU B 215 18.58 -29.94 2.37
CA LEU B 215 17.78 -28.90 1.67
C LEU B 215 16.50 -29.43 1.23
N ALA B 216 15.38 -28.72 1.42
CA ALA B 216 14.11 -29.04 0.77
C ALA B 216 14.00 -28.15 -0.47
N ILE B 217 13.78 -28.72 -1.63
CA ILE B 217 13.59 -28.03 -2.87
C ILE B 217 12.16 -27.82 -3.15
N PHE B 218 11.73 -26.56 -3.21
CA PHE B 218 10.30 -26.21 -3.27
C PHE B 218 9.77 -26.27 -4.68
N GLY B 219 9.33 -27.47 -5.08
CA GLY B 219 8.75 -27.73 -6.37
C GLY B 219 9.69 -28.36 -7.33
N ASN B 220 9.18 -29.40 -7.98
CA ASN B 220 9.92 -30.07 -9.06
C ASN B 220 9.04 -30.28 -10.27
N ASP B 221 7.93 -29.62 -10.33
CA ASP B 221 6.99 -29.74 -11.48
C ASP B 221 6.75 -28.46 -12.16
N TYR B 222 7.68 -27.51 -12.04
CA TYR B 222 7.58 -26.25 -12.81
C TYR B 222 7.86 -26.46 -14.30
N PRO B 223 7.37 -25.52 -15.12
CA PRO B 223 7.69 -25.64 -16.59
C PRO B 223 9.07 -25.07 -16.90
N THR B 224 10.09 -25.65 -16.30
CA THR B 224 11.46 -25.34 -16.48
C THR B 224 12.19 -26.60 -16.96
N GLU B 225 13.41 -26.45 -17.41
CA GLU B 225 14.10 -27.57 -17.98
C GLU B 225 14.20 -28.75 -17.06
N ASP B 226 14.55 -28.54 -15.77
CA ASP B 226 14.65 -29.62 -14.78
C ASP B 226 13.50 -29.65 -13.76
N GLY B 227 12.52 -28.80 -13.95
CA GLY B 227 11.35 -28.78 -13.11
C GLY B 227 11.44 -27.93 -11.83
N THR B 228 12.63 -27.41 -11.52
CA THR B 228 12.81 -26.56 -10.33
C THR B 228 12.79 -25.14 -10.71
N GLY B 229 12.61 -24.25 -9.74
CA GLY B 229 12.54 -22.83 -10.00
C GLY B 229 13.81 -22.23 -10.56
N VAL B 230 13.64 -21.24 -11.42
CA VAL B 230 14.76 -20.57 -12.08
C VAL B 230 14.79 -19.12 -11.70
N ARG B 231 15.97 -18.62 -11.35
CA ARG B 231 16.24 -17.29 -10.87
C ARG B 231 17.50 -16.75 -11.48
N ASP B 232 17.69 -15.44 -11.30
CA ASP B 232 18.89 -14.69 -11.76
C ASP B 232 19.70 -14.41 -10.53
N TYR B 233 20.79 -15.11 -10.40
CA TYR B 233 21.75 -15.02 -9.28
C TYR B 233 22.79 -14.04 -9.52
N ILE B 234 22.96 -13.12 -8.58
CA ILE B 234 23.89 -12.00 -8.70
C ILE B 234 24.77 -12.00 -7.48
N HIS B 235 26.07 -11.85 -7.65
CA HIS B 235 26.96 -11.89 -6.48
C HIS B 235 26.67 -10.62 -5.67
N VAL B 236 26.54 -10.81 -4.34
CA VAL B 236 26.23 -9.72 -3.47
C VAL B 236 27.27 -8.61 -3.59
N MET B 237 28.55 -8.93 -3.85
CA MET B 237 29.54 -7.84 -4.03
C MET B 237 29.33 -7.01 -5.27
N ASP B 238 28.88 -7.64 -6.34
CA ASP B 238 28.49 -6.90 -7.53
C ASP B 238 27.24 -6.10 -7.33
N LEU B 239 26.27 -6.66 -6.61
CA LEU B 239 25.10 -5.93 -6.25
C LEU B 239 25.38 -4.71 -5.44
N ALA B 240 26.17 -4.88 -4.38
CA ALA B 240 26.59 -3.77 -3.52
C ALA B 240 27.29 -2.69 -4.33
N ASP B 241 28.15 -3.09 -5.27
CA ASP B 241 28.78 -2.07 -6.12
C ASP B 241 27.76 -1.34 -6.93
N GLY B 242 26.78 -2.03 -7.43
CA GLY B 242 25.72 -1.36 -8.21
C GLY B 242 24.94 -0.40 -7.44
N ILE B 243 24.60 -0.76 -6.19
CA ILE B 243 23.88 0.12 -5.30
C ILE B 243 24.65 1.40 -5.01
N VAL B 244 25.92 1.23 -4.69
CA VAL B 244 26.77 2.41 -4.43
C VAL B 244 26.88 3.32 -5.65
N VAL B 245 27.09 2.73 -6.85
CA VAL B 245 27.13 3.52 -8.10
C VAL B 245 25.81 4.26 -8.26
N ALA B 246 24.68 3.60 -8.07
CA ALA B 246 23.42 4.27 -8.20
C ALA B 246 23.24 5.40 -7.27
N MET B 247 23.58 5.16 -5.97
CA MET B 247 23.52 6.23 -5.01
C MET B 247 24.34 7.42 -5.44
N GLU B 248 25.59 7.20 -5.84
CA GLU B 248 26.47 8.31 -6.18
C GLU B 248 25.96 8.99 -7.43
N LYS B 249 25.63 8.28 -8.48
CA LYS B 249 25.28 8.89 -9.75
C LYS B 249 23.94 9.55 -9.72
N LEU B 250 23.02 9.11 -8.86
CA LEU B 250 21.62 9.59 -8.92
C LEU B 250 21.33 10.62 -7.85
N ALA B 251 22.20 10.81 -6.83
CA ALA B 251 21.95 11.81 -5.79
C ALA B 251 21.74 13.20 -6.49
N ASN B 252 20.70 13.88 -6.07
CA ASN B 252 20.41 15.24 -6.50
C ASN B 252 20.04 15.29 -7.97
N LYS B 253 19.68 14.19 -8.62
CA LYS B 253 19.22 14.14 -10.02
C LYS B 253 17.74 13.86 -9.92
N PRO B 254 16.85 14.84 -10.03
CA PRO B 254 15.43 14.59 -9.80
C PRO B 254 14.91 13.61 -10.77
N GLY B 255 13.96 12.76 -10.25
CA GLY B 255 13.24 11.81 -11.01
C GLY B 255 13.09 10.49 -10.29
N VAL B 256 12.45 9.55 -10.95
CA VAL B 256 12.26 8.17 -10.56
C VAL B 256 13.10 7.35 -11.45
N HIS B 257 14.15 6.66 -10.95
CA HIS B 257 15.16 6.04 -11.77
C HIS B 257 15.05 4.53 -11.48
N ILE B 258 14.60 3.77 -12.43
CA ILE B 258 14.29 2.36 -12.26
C ILE B 258 15.35 1.51 -12.92
N TYR B 259 15.97 0.57 -12.16
CA TYR B 259 17.01 -0.35 -12.69
C TYR B 259 16.81 -1.76 -12.18
N ASN B 260 16.88 -2.72 -13.05
CA ASN B 260 17.15 -4.08 -12.72
C ASN B 260 18.59 -4.30 -12.38
N LEU B 261 18.83 -4.96 -11.26
CA LEU B 261 20.21 -5.34 -10.89
C LEU B 261 20.26 -6.85 -10.78
N GLY B 262 20.75 -7.49 -11.84
CA GLY B 262 20.86 -8.91 -11.97
C GLY B 262 21.95 -9.26 -12.93
N ALA B 263 22.22 -10.52 -13.10
CA ALA B 263 23.25 -11.01 -14.03
C ALA B 263 22.71 -11.22 -15.39
N GLY B 264 21.42 -11.38 -15.60
CA GLY B 264 20.90 -11.52 -16.97
C GLY B 264 20.83 -12.93 -17.44
N VAL B 265 20.97 -13.92 -16.59
CA VAL B 265 20.92 -15.32 -16.99
C VAL B 265 20.17 -16.01 -15.86
N GLY B 266 19.46 -17.07 -16.18
CA GLY B 266 18.76 -17.87 -15.20
C GLY B 266 19.39 -19.16 -14.90
N ASN B 267 19.30 -19.57 -13.64
CA ASN B 267 19.76 -20.89 -13.16
C ASN B 267 18.71 -21.48 -12.24
N SER B 268 18.59 -22.78 -12.27
CA SER B 268 17.61 -23.50 -11.41
C SER B 268 18.14 -23.77 -10.04
N VAL B 269 17.19 -24.19 -9.17
CA VAL B 269 17.56 -24.56 -7.81
C VAL B 269 18.61 -25.64 -7.86
N LEU B 270 18.39 -26.65 -8.72
CA LEU B 270 19.38 -27.77 -8.81
C LEU B 270 20.70 -27.24 -9.33
N ASP B 271 20.71 -26.25 -10.22
CA ASP B 271 21.98 -25.62 -10.65
C ASP B 271 22.72 -25.05 -9.49
N VAL B 272 22.05 -24.36 -8.58
CA VAL B 272 22.68 -23.79 -7.43
C VAL B 272 23.23 -24.86 -6.50
N VAL B 273 22.45 -25.90 -6.24
CA VAL B 273 22.87 -27.03 -5.43
C VAL B 273 24.13 -27.65 -6.09
N ASN B 274 24.15 -27.84 -7.39
CA ASN B 274 25.31 -28.44 -8.04
C ASN B 274 26.51 -27.54 -7.93
N ALA B 275 26.35 -26.25 -8.09
CA ALA B 275 27.46 -25.30 -7.97
C ALA B 275 28.07 -25.40 -6.59
N PHE B 276 27.19 -25.45 -5.55
CA PHE B 276 27.69 -25.55 -4.22
C PHE B 276 28.40 -26.88 -3.90
N SER B 277 27.83 -27.96 -4.38
CA SER B 277 28.48 -29.25 -4.19
C SER B 277 29.88 -29.26 -4.75
N LYS B 278 30.08 -28.69 -5.93
CA LYS B 278 31.45 -28.62 -6.50
C LYS B 278 32.33 -27.73 -5.70
N ALA B 279 31.85 -26.61 -5.17
CA ALA B 279 32.68 -25.77 -4.33
C ALA B 279 33.08 -26.43 -3.01
N CYS B 280 32.17 -27.12 -2.36
CA CYS B 280 32.47 -27.70 -1.04
C CYS B 280 33.02 -29.11 -1.10
N GLY B 281 32.97 -29.74 -2.20
CA GLY B 281 33.55 -31.07 -2.41
C GLY B 281 32.72 -32.22 -2.06
N LYS B 282 31.43 -32.07 -1.73
CA LYS B 282 30.53 -33.14 -1.35
C LYS B 282 29.13 -32.83 -1.89
N PRO B 283 28.37 -33.72 -2.44
CA PRO B 283 27.02 -33.44 -2.87
C PRO B 283 26.17 -32.98 -1.73
N VAL B 284 25.55 -31.82 -1.87
CA VAL B 284 24.67 -31.33 -0.85
C VAL B 284 23.39 -32.15 -0.81
N ASN B 285 23.06 -32.62 0.38
CA ASN B 285 21.90 -33.46 0.53
C ASN B 285 20.60 -32.65 0.27
N TYR B 286 19.69 -33.19 -0.51
CA TYR B 286 18.40 -32.55 -0.67
C TYR B 286 17.30 -33.55 -0.85
N HIS B 287 16.08 -33.03 -0.67
CA HIS B 287 14.86 -33.76 -0.97
C HIS B 287 13.85 -32.80 -1.61
N PHE B 288 13.04 -33.28 -2.46
CA PHE B 288 11.98 -32.47 -3.10
C PHE B 288 10.83 -32.27 -2.16
N ALA B 289 10.14 -31.14 -2.33
CA ALA B 289 9.03 -30.69 -1.47
C ALA B 289 8.04 -29.95 -2.34
N PRO B 290 6.87 -29.60 -1.80
CA PRO B 290 5.90 -28.86 -2.58
C PRO B 290 6.40 -27.46 -2.99
N ARG B 291 5.78 -26.95 -4.00
CA ARG B 291 5.94 -25.53 -4.36
C ARG B 291 5.63 -24.64 -3.16
N ARG B 292 6.41 -23.56 -3.06
CA ARG B 292 6.18 -22.50 -2.02
C ARG B 292 5.25 -21.50 -2.61
N GLU B 293 4.23 -21.11 -1.87
CA GLU B 293 3.31 -20.04 -2.33
C GLU B 293 4.02 -18.76 -2.58
N GLY B 294 3.69 -18.11 -3.66
CA GLY B 294 4.28 -16.86 -4.02
C GLY B 294 5.36 -16.95 -5.05
N ASP B 295 5.86 -18.18 -5.31
CA ASP B 295 6.96 -18.41 -6.26
C ASP B 295 6.46 -18.49 -7.67
N LEU B 296 7.05 -17.78 -8.60
CA LEU B 296 6.89 -18.08 -10.01
C LEU B 296 7.79 -19.11 -10.51
N PRO B 297 7.58 -19.76 -11.65
CA PRO B 297 8.48 -20.77 -12.13
C PRO B 297 9.88 -20.29 -12.45
N ALA B 298 9.97 -19.10 -13.05
CA ALA B 298 11.23 -18.68 -13.71
C ALA B 298 11.20 -17.22 -13.99
N TYR B 299 12.31 -16.52 -13.71
CA TYR B 299 12.52 -15.17 -14.20
C TYR B 299 13.99 -14.80 -14.06
N TRP B 300 14.41 -13.87 -14.92
CA TRP B 300 15.73 -13.29 -14.89
C TRP B 300 15.70 -11.92 -15.48
N ALA B 301 16.78 -11.16 -15.30
CA ALA B 301 16.79 -9.76 -15.71
C ALA B 301 17.25 -9.54 -17.16
N ASP B 302 16.72 -8.42 -17.68
CA ASP B 302 17.53 -7.64 -18.65
C ASP B 302 18.16 -6.48 -17.87
N ALA B 303 19.48 -6.53 -17.71
CA ALA B 303 20.16 -5.49 -16.93
C ALA B 303 20.95 -4.55 -17.83
N SER B 304 20.53 -4.43 -19.08
CA SER B 304 21.21 -3.53 -20.00
C SER B 304 21.03 -2.07 -19.67
N LYS B 305 19.93 -1.67 -19.08
CA LYS B 305 19.74 -0.32 -18.70
C LYS B 305 20.80 0.18 -17.75
N ALA B 306 21.08 -0.60 -16.71
CA ALA B 306 22.13 -0.24 -15.76
C ALA B 306 23.50 -0.21 -16.41
N ASP B 307 23.73 -1.09 -17.38
CA ASP B 307 24.98 -1.04 -18.15
C ASP B 307 25.05 0.29 -18.89
N ARG B 308 24.02 0.63 -19.65
CA ARG B 308 24.12 1.89 -20.45
C ARG B 308 24.24 3.10 -19.59
N GLU B 309 23.41 3.17 -18.53
CA GLU B 309 23.24 4.44 -17.79
C GLU B 309 24.17 4.62 -16.63
N LEU B 310 24.52 3.52 -15.94
CA LEU B 310 25.39 3.52 -14.75
C LEU B 310 26.72 2.94 -15.02
N ASN B 311 27.02 2.44 -16.23
CA ASN B 311 28.25 1.70 -16.55
C ASN B 311 28.52 0.59 -15.53
N TRP B 312 27.45 -0.13 -15.20
CA TRP B 312 27.52 -1.26 -14.25
C TRP B 312 27.09 -2.53 -14.85
N ARG B 313 27.81 -3.58 -14.54
CA ARG B 313 27.44 -4.91 -14.93
C ARG B 313 28.06 -5.89 -13.95
N VAL B 314 27.51 -7.11 -13.91
CA VAL B 314 28.07 -8.19 -13.08
C VAL B 314 29.42 -8.60 -13.57
N THR B 315 30.21 -9.14 -12.64
CA THR B 315 31.55 -9.62 -12.90
C THR B 315 31.78 -11.02 -12.46
N ARG B 316 31.03 -11.58 -11.57
CA ARG B 316 31.20 -12.92 -10.99
C ARG B 316 30.17 -13.89 -11.45
N THR B 317 30.58 -15.15 -11.61
CA THR B 317 29.76 -16.22 -12.05
C THR B 317 29.07 -16.94 -10.90
N LEU B 318 28.11 -17.79 -11.17
CA LEU B 318 27.46 -18.58 -10.12
C LEU B 318 28.44 -19.47 -9.40
N ASP B 319 29.39 -20.08 -10.13
CA ASP B 319 30.38 -20.86 -9.43
C ASP B 319 31.18 -20.05 -8.43
N GLU B 320 31.54 -18.82 -8.79
CA GLU B 320 32.28 -17.95 -7.92
C GLU B 320 31.39 -17.54 -6.70
N MET B 321 30.07 -17.33 -6.92
CA MET B 321 29.12 -17.06 -5.81
C MET B 321 29.07 -18.20 -4.83
N ALA B 322 29.02 -19.42 -5.31
CA ALA B 322 28.98 -20.59 -4.46
C ALA B 322 30.32 -20.74 -3.75
N GLN B 323 31.42 -20.56 -4.42
CA GLN B 323 32.71 -20.64 -3.77
C GLN B 323 32.81 -19.62 -2.67
N ASP B 324 32.39 -18.38 -2.90
CA ASP B 324 32.58 -17.35 -1.87
C ASP B 324 31.65 -17.58 -0.67
N THR B 325 30.46 -18.12 -0.88
CA THR B 325 29.60 -18.45 0.22
C THR B 325 30.19 -19.65 1.00
N TRP B 326 30.72 -20.67 0.31
CA TRP B 326 31.36 -21.79 1.01
C TRP B 326 32.57 -21.32 1.80
N HIS B 327 33.34 -20.41 1.25
CA HIS B 327 34.52 -19.91 1.95
C HIS B 327 34.08 -19.30 3.23
N TRP B 328 33.07 -18.42 3.21
CA TRP B 328 32.48 -17.82 4.40
C TRP B 328 31.99 -18.81 5.39
N GLN B 329 31.09 -19.70 4.96
CA GLN B 329 30.40 -20.57 5.88
C GLN B 329 31.35 -21.57 6.53
N SER B 330 32.29 -22.08 5.78
CA SER B 330 33.25 -23.02 6.34
C SER B 330 34.15 -22.37 7.32
N ARG B 331 34.51 -21.09 7.13
CA ARG B 331 35.25 -20.33 8.15
C ARG B 331 34.48 -20.03 9.34
N HIS B 332 33.16 -19.80 9.19
CA HIS B 332 32.25 -19.36 10.24
C HIS B 332 31.03 -20.19 10.22
N PRO B 333 31.02 -21.46 10.65
CA PRO B 333 29.89 -22.34 10.43
C PRO B 333 28.65 -21.94 11.20
N GLN B 334 28.83 -21.27 12.37
CA GLN B 334 27.75 -20.79 13.14
C GLN B 334 27.51 -19.34 12.85
N GLY B 335 28.09 -18.77 11.83
CA GLY B 335 27.93 -17.32 11.59
C GLY B 335 28.59 -16.44 12.57
N TYR B 336 28.07 -15.22 12.73
CA TYR B 336 28.73 -14.25 13.59
C TYR B 336 28.53 -14.61 15.08
N PRO B 337 29.50 -14.05 15.90
CA PRO B 337 29.28 -14.34 17.33
C PRO B 337 28.02 -13.81 17.90
N ASP B 338 27.43 -14.56 18.85
CA ASP B 338 26.19 -14.10 19.48
C ASP B 338 26.12 -14.58 20.93
#